data_6CX6
#
_entry.id   6CX6
#
_cell.length_a   101.797
_cell.length_b   101.797
_cell.length_c   175.010
_cell.angle_alpha   90.00
_cell.angle_beta   90.00
_cell.angle_gamma   90.00
#
_symmetry.space_group_name_H-M   'P 42 2 2'
#
loop_
_entity.id
_entity.type
_entity.pdbx_description
1 polymer 'Arsenic methyltransferase'
2 non-polymer S-ADENOSYL-L-HOMOCYSTEINE
3 non-polymer ARSENIC
4 water water
#
_entity_poly.entity_id   1
_entity_poly.type   'polypeptide(L)'
_entity_poly.pdbx_seq_one_letter_code
;MPCSCASGCQKSKNGGSTPSIRDHVADYYGKTLQSSADLKTSACKLAAAVPESHRKILADIADEVLEKFYGCGSTLPADG
SLEGATVLDLGCGTGRDVYLASKLVGEHGKVIGVDMLDNQLEVARKYVEYHAEKFFGSPSRSNVRFLKGFIENLATAEPE
GVPDSSVDIVISNCVCNLSTNKLALFKEIHRVLRDGGELYFSDVYADRRLSEAAQQDPILYGECLGGALYLEDFRRLVAE
AGFRDVRLVSVGPVDVSDPQLRKLVPDVQFYSCTFRCFKVATLEATREDYGQSATYLGGIGEEFKLDRFFTFPREKPVRV
DRNTAEIIRHSRLHQWFSVSAEQQHMGLFKANDSYALLHAPLSMQVEQLVSHHHHHH
;
_entity_poly.pdbx_strand_id   A,B
#
loop_
_chem_comp.id
_chem_comp.type
_chem_comp.name
_chem_comp.formula
ARS non-polymer ARSENIC As
#
# COMPACT_ATOMS: atom_id res chain seq x y z
N SER A 42 28.42 3.11 -15.26
CA SER A 42 27.52 2.52 -16.29
C SER A 42 26.61 1.44 -15.70
N ALA A 43 26.24 1.62 -14.41
CA ALA A 43 25.36 0.70 -13.62
C ALA A 43 26.15 -0.30 -12.79
N CYS A 44 26.78 -1.24 -13.47
CA CYS A 44 27.49 -2.36 -12.87
C CYS A 44 28.88 -2.00 -12.36
N LYS A 45 28.95 -1.26 -11.27
CA LYS A 45 30.23 -0.89 -10.67
C LYS A 45 29.93 -0.34 -9.30
N LEU A 46 30.76 -0.67 -8.31
CA LEU A 46 30.52 -0.25 -6.92
C LEU A 46 30.13 1.22 -6.88
N ALA A 47 28.82 1.49 -7.04
CA ALA A 47 28.29 2.88 -7.08
C ALA A 47 28.21 3.55 -5.69
N ALA A 48 28.95 2.99 -4.73
CA ALA A 48 29.36 3.71 -3.54
C ALA A 48 30.73 3.18 -3.12
N ALA A 49 31.28 3.74 -2.04
CA ALA A 49 32.49 3.19 -1.44
C ALA A 49 32.20 1.81 -0.84
N VAL A 50 33.26 1.02 -0.72
CA VAL A 50 33.17 -0.25 -0.06
C VAL A 50 33.24 0.07 1.43
N PRO A 51 32.53 -0.68 2.28
CA PRO A 51 32.66 -0.53 3.72
C PRO A 51 34.02 -0.97 4.27
N GLU A 52 34.39 -0.46 5.44
CA GLU A 52 35.72 -0.66 6.01
C GLU A 52 36.08 -2.12 6.21
N SER A 53 35.30 -2.79 7.04
CA SER A 53 35.57 -4.19 7.43
C SER A 53 35.74 -5.10 6.22
N HIS A 54 34.97 -4.82 5.18
CA HIS A 54 35.03 -5.61 3.97
C HIS A 54 36.33 -5.39 3.19
N ARG A 55 36.97 -4.25 3.43
CA ARG A 55 38.22 -3.94 2.71
C ARG A 55 39.32 -4.82 3.22
N LYS A 56 39.51 -4.81 4.55
CA LYS A 56 40.51 -5.66 5.19
C LYS A 56 40.49 -7.02 4.48
N ILE A 57 39.29 -7.61 4.40
CA ILE A 57 39.07 -8.92 3.74
C ILE A 57 39.42 -8.88 2.25
N LEU A 58 38.64 -8.14 1.47
CA LEU A 58 38.80 -8.02 0.01
C LEU A 58 40.24 -7.99 -0.51
N ALA A 59 41.12 -7.36 0.25
CA ALA A 59 42.58 -7.39 -0.02
C ALA A 59 43.03 -8.81 -0.31
N ASP A 60 42.63 -9.72 0.59
CA ASP A 60 43.00 -11.14 0.54
C ASP A 60 42.25 -11.98 -0.50
N ILE A 61 41.36 -11.38 -1.29
CA ILE A 61 40.60 -12.14 -2.28
C ILE A 61 41.38 -12.18 -3.61
N ALA A 62 41.53 -13.37 -4.18
CA ALA A 62 42.20 -13.55 -5.46
C ALA A 62 41.90 -12.42 -6.42
N ASP A 63 42.95 -11.78 -6.93
CA ASP A 63 42.79 -10.63 -7.83
C ASP A 63 41.98 -10.95 -9.08
N GLU A 64 42.08 -12.18 -9.61
CA GLU A 64 41.30 -12.55 -10.81
C GLU A 64 39.81 -12.37 -10.56
N VAL A 65 39.37 -12.76 -9.36
CA VAL A 65 37.96 -12.71 -9.00
C VAL A 65 37.49 -11.26 -9.00
N LEU A 66 38.34 -10.38 -8.50
CA LEU A 66 38.07 -8.94 -8.50
C LEU A 66 38.27 -8.18 -9.85
N GLU A 67 39.06 -8.69 -10.82
CA GLU A 67 39.24 -7.95 -12.10
C GLU A 67 37.86 -8.00 -12.70
N LYS A 68 37.43 -9.23 -12.98
CA LYS A 68 36.03 -9.52 -13.26
C LYS A 68 35.31 -9.18 -11.97
N PHE A 69 33.99 -9.28 -11.91
CA PHE A 69 33.18 -8.67 -10.82
C PHE A 69 32.70 -7.27 -11.20
N TYR A 70 31.38 -7.12 -11.22
CA TYR A 70 30.77 -5.83 -11.49
C TYR A 70 29.32 -5.84 -11.03
N GLY A 71 29.13 -5.45 -9.78
CA GLY A 71 27.82 -5.14 -9.28
C GLY A 71 27.81 -3.76 -8.69
N CYS A 72 26.67 -3.08 -8.78
CA CYS A 72 26.42 -1.92 -7.93
C CYS A 72 26.78 -2.32 -6.54
N GLY A 73 26.83 -1.34 -5.66
CA GLY A 73 27.32 -1.52 -4.26
C GLY A 73 27.16 -2.82 -3.45
N SER A 74 27.27 -2.65 -2.13
CA SER A 74 27.40 -3.76 -1.18
C SER A 74 26.11 -4.50 -0.96
N THR A 75 26.18 -5.83 -1.05
CA THR A 75 25.03 -6.68 -0.79
C THR A 75 25.20 -7.53 0.47
N LEU A 76 26.04 -7.07 1.40
CA LEU A 76 26.34 -7.81 2.61
C LEU A 76 26.49 -6.90 3.82
N PRO A 77 25.76 -7.14 4.90
CA PRO A 77 25.83 -6.21 6.02
C PRO A 77 27.23 -6.10 6.60
N ALA A 78 27.54 -4.93 7.15
CA ALA A 78 28.71 -4.75 7.97
C ALA A 78 28.28 -4.75 9.45
N ASP A 79 27.04 -5.19 9.71
CA ASP A 79 26.57 -5.42 11.07
C ASP A 79 27.69 -6.07 11.87
N GLY A 80 28.10 -7.27 11.46
CA GLY A 80 28.84 -8.23 12.30
C GLY A 80 27.91 -9.37 12.68
N SER A 81 26.80 -9.45 11.95
CA SER A 81 25.64 -10.27 12.28
C SER A 81 25.63 -11.55 11.47
N LEU A 82 26.78 -11.94 10.94
CA LEU A 82 26.80 -13.03 9.98
C LEU A 82 27.40 -14.35 10.46
N GLU A 83 28.09 -14.35 11.60
CA GLU A 83 28.78 -15.55 12.03
C GLU A 83 27.85 -16.77 12.00
N GLY A 84 28.28 -17.86 11.36
CA GLY A 84 27.50 -19.11 11.31
C GLY A 84 26.27 -19.16 10.40
N ALA A 85 26.16 -18.22 9.46
CA ALA A 85 25.00 -18.13 8.60
C ALA A 85 25.15 -18.93 7.33
N THR A 86 23.99 -19.33 6.77
CA THR A 86 23.92 -19.93 5.48
C THR A 86 23.50 -18.84 4.48
N VAL A 87 24.46 -18.43 3.63
CA VAL A 87 24.25 -17.40 2.61
C VAL A 87 24.19 -17.93 1.19
N LEU A 88 23.15 -17.54 0.47
CA LEU A 88 23.03 -17.87 -0.93
C LEU A 88 23.09 -16.61 -1.82
N ASP A 89 23.93 -16.65 -2.86
CA ASP A 89 24.11 -15.55 -3.81
C ASP A 89 23.50 -15.88 -5.16
N LEU A 90 22.60 -15.02 -5.61
CA LEU A 90 21.92 -15.20 -6.88
C LEU A 90 22.61 -14.38 -7.96
N GLY A 91 23.12 -15.12 -8.97
CA GLY A 91 23.98 -14.60 -10.03
C GLY A 91 25.35 -14.22 -9.54
N CYS A 92 26.02 -15.14 -8.84
CA CYS A 92 27.26 -14.83 -8.11
C CYS A 92 28.44 -14.58 -9.04
N GLY A 93 28.35 -15.10 -10.27
CA GLY A 93 29.46 -14.98 -11.20
C GLY A 93 30.78 -15.42 -10.59
N THR A 94 31.78 -14.54 -10.66
CA THR A 94 33.15 -14.88 -10.27
C THR A 94 33.36 -15.07 -8.79
N GLY A 95 32.35 -14.74 -7.97
CA GLY A 95 32.33 -15.10 -6.55
C GLY A 95 32.99 -14.11 -5.62
N ARG A 96 33.06 -12.85 -6.01
CA ARG A 96 33.58 -11.82 -5.14
C ARG A 96 32.80 -11.81 -3.82
N ASP A 97 31.48 -11.62 -3.94
CA ASP A 97 30.61 -11.63 -2.77
C ASP A 97 30.56 -13.01 -2.09
N VAL A 98 30.60 -14.09 -2.86
CA VAL A 98 30.60 -15.41 -2.26
C VAL A 98 31.77 -15.59 -1.31
N TYR A 99 32.93 -15.05 -1.68
CA TYR A 99 34.14 -15.29 -0.90
C TYR A 99 34.29 -14.30 0.21
N LEU A 100 33.71 -13.11 0.03
CA LEU A 100 33.65 -12.13 1.10
C LEU A 100 32.70 -12.63 2.19
N ALA A 101 31.56 -13.15 1.78
CA ALA A 101 30.63 -13.78 2.72
C ALA A 101 31.32 -14.93 3.45
N SER A 102 32.10 -15.73 2.72
CA SER A 102 32.78 -16.90 3.30
C SER A 102 33.60 -16.56 4.52
N LYS A 103 34.40 -15.52 4.41
CA LYS A 103 35.17 -15.06 5.56
C LYS A 103 34.27 -14.51 6.65
N LEU A 104 33.25 -13.77 6.24
CA LEU A 104 32.36 -13.13 7.22
C LEU A 104 31.59 -14.14 8.07
N VAL A 105 31.06 -15.19 7.44
CA VAL A 105 30.26 -16.22 8.14
C VAL A 105 31.12 -17.08 9.06
N GLY A 106 32.41 -17.14 8.75
CA GLY A 106 33.32 -17.98 9.49
C GLY A 106 33.36 -19.38 8.93
N GLU A 107 34.30 -20.13 9.49
CA GLU A 107 34.57 -21.53 9.16
C GLU A 107 33.35 -22.46 9.29
N HIS A 108 32.37 -22.05 10.09
CA HIS A 108 31.27 -22.91 10.42
C HIS A 108 29.92 -22.46 9.84
N GLY A 109 29.91 -21.38 9.06
CA GLY A 109 28.76 -21.01 8.25
C GLY A 109 28.95 -21.59 6.88
N LYS A 110 28.15 -21.17 5.91
CA LYS A 110 28.13 -21.81 4.59
C LYS A 110 27.70 -20.82 3.49
N VAL A 111 28.22 -20.98 2.28
CA VAL A 111 27.86 -20.11 1.17
C VAL A 111 27.55 -20.95 -0.07
N ILE A 112 26.60 -20.46 -0.85
CA ILE A 112 26.15 -21.16 -2.01
C ILE A 112 25.98 -20.10 -3.04
N GLY A 113 26.86 -20.04 -4.03
CA GLY A 113 26.72 -19.14 -5.17
C GLY A 113 25.95 -19.91 -6.22
N VAL A 114 24.97 -19.28 -6.84
CA VAL A 114 24.30 -19.88 -7.98
C VAL A 114 24.54 -19.00 -9.19
N ASP A 115 24.77 -19.65 -10.33
CA ASP A 115 24.86 -18.95 -11.59
C ASP A 115 24.58 -19.87 -12.76
N MET A 116 24.10 -19.25 -13.83
CA MET A 116 23.60 -19.94 -15.00
C MET A 116 24.74 -20.27 -16.01
N LEU A 117 25.91 -19.63 -15.85
CA LEU A 117 26.99 -19.75 -16.85
C LEU A 117 28.26 -20.46 -16.40
N ASP A 118 28.54 -21.59 -17.06
CA ASP A 118 29.73 -22.39 -16.85
C ASP A 118 30.95 -21.47 -16.75
N ASN A 119 31.03 -20.52 -17.67
CA ASN A 119 32.20 -19.64 -17.85
C ASN A 119 32.48 -18.73 -16.67
N GLN A 120 31.42 -18.34 -15.97
CA GLN A 120 31.55 -17.54 -14.76
C GLN A 120 31.86 -18.44 -13.55
N LEU A 121 31.21 -19.61 -13.52
CA LEU A 121 31.35 -20.52 -12.39
C LEU A 121 32.74 -21.13 -12.35
N GLU A 122 33.21 -21.59 -13.51
CA GLU A 122 34.49 -22.27 -13.60
C GLU A 122 35.67 -21.37 -13.24
N VAL A 123 35.47 -20.07 -13.30
CA VAL A 123 36.43 -19.11 -12.76
C VAL A 123 36.42 -19.09 -11.24
N ALA A 124 35.23 -19.12 -10.66
CA ALA A 124 35.10 -18.99 -9.20
C ALA A 124 35.47 -20.28 -8.51
N ARG A 125 35.29 -21.40 -9.21
CA ARG A 125 35.59 -22.68 -8.62
C ARG A 125 37.09 -22.79 -8.44
N LYS A 126 37.83 -22.26 -9.41
CA LYS A 126 39.29 -22.19 -9.35
C LYS A 126 39.77 -22.00 -7.94
N TYR A 127 39.28 -20.95 -7.26
CA TYR A 127 39.87 -20.49 -6.00
C TYR A 127 39.20 -20.95 -4.67
N VAL A 128 38.41 -22.01 -4.73
CA VAL A 128 37.89 -22.60 -3.50
C VAL A 128 39.03 -22.81 -2.50
N GLU A 129 40.04 -23.57 -2.91
CA GLU A 129 41.11 -23.94 -2.00
C GLU A 129 41.94 -22.71 -1.61
N TYR A 130 42.22 -21.84 -2.57
CA TYR A 130 42.98 -20.65 -2.25
C TYR A 130 42.37 -19.97 -1.02
N HIS A 131 41.06 -19.74 -1.09
CA HIS A 131 40.34 -18.99 -0.06
C HIS A 131 40.04 -19.83 1.17
N ALA A 132 40.36 -21.11 1.12
CA ALA A 132 40.39 -21.87 2.33
C ALA A 132 41.61 -21.47 3.23
N GLU A 133 42.64 -20.80 2.67
CA GLU A 133 43.66 -20.08 3.47
C GLU A 133 43.16 -18.66 3.73
N LYS A 134 42.89 -18.40 5.00
CA LYS A 134 41.74 -17.59 5.49
C LYS A 134 41.11 -18.38 6.67
N PHE A 135 41.12 -19.71 6.56
CA PHE A 135 40.79 -20.61 7.65
C PHE A 135 41.94 -21.50 8.11
N PHE A 136 43.09 -21.39 7.47
CA PHE A 136 44.33 -22.02 7.96
C PHE A 136 44.58 -23.41 7.34
N GLY A 137 43.53 -24.20 7.13
CA GLY A 137 43.68 -25.63 6.80
C GLY A 137 43.34 -25.93 5.37
N SER A 138 43.66 -24.95 4.54
CA SER A 138 43.01 -24.73 3.26
C SER A 138 42.37 -25.96 2.65
N PRO A 139 43.14 -26.72 1.88
CA PRO A 139 42.57 -27.57 0.83
C PRO A 139 41.50 -28.55 1.33
N SER A 140 40.51 -28.02 2.05
CA SER A 140 39.67 -28.85 2.90
C SER A 140 38.66 -28.06 3.67
N ARG A 141 39.01 -26.84 4.08
CA ARG A 141 38.20 -26.16 5.07
C ARG A 141 37.16 -25.16 4.56
N SER A 142 36.79 -25.27 3.29
CA SER A 142 35.97 -24.25 2.61
C SER A 142 34.47 -24.42 2.85
N ASN A 143 33.74 -23.30 3.02
CA ASN A 143 32.27 -23.35 3.11
C ASN A 143 31.61 -23.31 1.76
N VAL A 144 32.32 -22.85 0.76
CA VAL A 144 31.62 -22.37 -0.40
C VAL A 144 31.31 -23.52 -1.31
N ARG A 145 30.35 -23.30 -2.18
CA ARG A 145 30.09 -24.24 -3.22
C ARG A 145 29.31 -23.49 -4.26
N PHE A 146 29.26 -24.04 -5.46
CA PHE A 146 28.69 -23.34 -6.58
C PHE A 146 27.73 -24.20 -7.33
N LEU A 147 26.50 -23.75 -7.40
CA LEU A 147 25.48 -24.46 -8.12
C LEU A 147 25.22 -23.78 -9.45
N LYS A 148 24.82 -24.58 -10.42
CA LYS A 148 24.55 -24.11 -11.76
C LYS A 148 23.08 -24.33 -11.99
N GLY A 149 22.38 -23.26 -12.33
CA GLY A 149 20.91 -23.25 -12.43
C GLY A 149 20.45 -21.82 -12.66
N PHE A 150 19.15 -21.65 -12.85
CA PHE A 150 18.62 -20.31 -13.00
C PHE A 150 18.09 -19.88 -11.63
N ILE A 151 18.39 -18.64 -11.27
CA ILE A 151 17.95 -18.09 -9.99
C ILE A 151 16.43 -18.15 -9.80
N GLU A 152 15.68 -18.09 -10.89
CA GLU A 152 14.23 -18.21 -10.75
C GLU A 152 13.82 -19.63 -10.38
N ASN A 153 14.78 -20.54 -10.21
CA ASN A 153 14.48 -21.90 -9.78
C ASN A 153 15.68 -22.67 -9.31
N LEU A 154 15.91 -22.55 -8.01
CA LEU A 154 17.08 -23.06 -7.34
C LEU A 154 16.87 -24.50 -6.92
N ALA A 155 15.64 -25.01 -7.09
CA ALA A 155 15.29 -26.37 -6.70
C ALA A 155 15.84 -27.39 -7.70
N THR A 156 16.15 -26.89 -8.90
CA THR A 156 16.74 -27.69 -9.96
C THR A 156 18.19 -27.34 -10.22
N ALA A 157 18.74 -26.37 -9.49
CA ALA A 157 20.16 -26.08 -9.59
C ALA A 157 20.85 -27.42 -9.53
N GLU A 158 21.88 -27.63 -10.37
CA GLU A 158 22.20 -29.00 -10.75
C GLU A 158 23.11 -29.80 -9.82
N PRO A 159 24.30 -29.26 -9.50
CA PRO A 159 25.11 -30.12 -8.62
C PRO A 159 24.19 -30.72 -7.56
N GLU A 160 23.38 -29.88 -6.89
CA GLU A 160 22.20 -30.28 -6.08
C GLU A 160 21.20 -29.08 -5.96
N GLY A 161 19.91 -29.33 -5.78
CA GLY A 161 18.93 -28.25 -5.57
C GLY A 161 18.99 -27.59 -4.18
N VAL A 162 18.31 -26.44 -4.01
CA VAL A 162 18.24 -25.70 -2.73
C VAL A 162 16.89 -25.89 -2.07
N PRO A 163 16.87 -26.67 -1.00
CA PRO A 163 15.55 -27.03 -0.50
C PRO A 163 14.83 -25.88 0.20
N ASP A 164 13.57 -26.12 0.57
CA ASP A 164 12.76 -25.15 1.29
C ASP A 164 13.44 -24.81 2.61
N SER A 165 13.43 -23.54 3.00
CA SER A 165 13.91 -23.12 4.31
C SER A 165 15.31 -23.61 4.68
N SER A 166 16.30 -23.24 3.88
CA SER A 166 17.64 -23.72 4.09
C SER A 166 18.59 -22.58 4.31
N VAL A 167 18.10 -21.37 4.07
CA VAL A 167 18.95 -20.23 3.90
C VAL A 167 18.59 -19.19 4.93
N ASP A 168 19.62 -18.55 5.49
CA ASP A 168 19.44 -17.46 6.41
C ASP A 168 19.41 -16.14 5.63
N ILE A 169 20.45 -15.90 4.84
CA ILE A 169 20.54 -14.70 4.02
C ILE A 169 20.60 -15.05 2.54
N VAL A 170 19.88 -14.27 1.73
CA VAL A 170 19.98 -14.39 0.29
C VAL A 170 20.49 -13.07 -0.26
N ILE A 171 21.57 -13.12 -1.03
CA ILE A 171 22.16 -11.91 -1.54
C ILE A 171 22.19 -11.96 -3.05
N SER A 172 22.55 -10.83 -3.66
CA SER A 172 22.61 -10.72 -5.11
C SER A 172 23.15 -9.34 -5.38
N ASN A 173 24.01 -9.22 -6.39
CA ASN A 173 24.64 -7.95 -6.70
C ASN A 173 24.50 -7.67 -8.17
N CYS A 174 23.55 -6.80 -8.49
CA CYS A 174 23.28 -6.34 -9.83
C CYS A 174 22.91 -7.48 -10.70
N VAL A 175 21.88 -8.20 -10.32
CA VAL A 175 21.47 -9.38 -11.06
C VAL A 175 19.98 -9.54 -11.24
N CYS A 176 19.17 -9.06 -10.28
CA CYS A 176 17.75 -9.40 -10.30
C CYS A 176 17.06 -8.63 -11.41
N ASN A 177 17.47 -7.38 -11.60
CA ASN A 177 17.05 -6.61 -12.78
C ASN A 177 17.07 -7.42 -14.07
N LEU A 178 17.90 -8.47 -14.11
CA LEU A 178 18.03 -9.30 -15.32
C LEU A 178 17.02 -10.43 -15.43
N SER A 179 16.21 -10.65 -14.40
CA SER A 179 15.25 -11.76 -14.46
C SER A 179 14.17 -11.46 -15.48
N THR A 180 13.49 -12.53 -15.89
CA THR A 180 12.41 -12.44 -16.84
C THR A 180 11.07 -12.56 -16.14
N ASN A 181 10.95 -13.55 -15.26
CA ASN A 181 9.82 -13.59 -14.31
C ASN A 181 10.21 -13.14 -12.88
N LYS A 182 10.21 -11.82 -12.65
CA LYS A 182 10.51 -11.29 -11.29
C LYS A 182 9.62 -11.79 -10.14
N LEU A 183 8.31 -11.83 -10.33
CA LEU A 183 7.46 -12.43 -9.30
C LEU A 183 7.88 -13.89 -8.97
N ALA A 184 8.20 -14.65 -10.02
CA ALA A 184 8.59 -16.02 -9.84
C ALA A 184 9.86 -16.10 -9.01
N LEU A 185 10.82 -15.30 -9.39
CA LEU A 185 12.07 -15.16 -8.66
C LEU A 185 11.84 -14.84 -7.20
N PHE A 186 11.01 -13.83 -6.91
CA PHE A 186 10.87 -13.37 -5.52
C PHE A 186 10.16 -14.39 -4.65
N LYS A 187 9.18 -15.07 -5.22
CA LYS A 187 8.54 -16.19 -4.56
C LYS A 187 9.55 -17.28 -4.21
N GLU A 188 10.49 -17.50 -5.14
CA GLU A 188 11.50 -18.56 -5.03
C GLU A 188 12.44 -18.27 -3.87
N ILE A 189 12.85 -17.02 -3.81
CA ILE A 189 13.61 -16.50 -2.70
C ILE A 189 12.84 -16.70 -1.40
N HIS A 190 11.56 -16.38 -1.42
CA HIS A 190 10.70 -16.59 -0.24
C HIS A 190 10.63 -18.05 0.19
N ARG A 191 10.62 -18.97 -0.78
CA ARG A 191 10.55 -20.44 -0.49
C ARG A 191 11.76 -20.97 0.27
N VAL A 192 12.88 -20.28 0.11
CA VAL A 192 14.19 -20.80 0.43
C VAL A 192 14.80 -20.22 1.73
N LEU A 193 14.34 -19.05 2.13
CA LEU A 193 14.77 -18.48 3.42
C LEU A 193 14.10 -19.23 4.60
N ARG A 194 14.80 -19.35 5.72
CA ARG A 194 14.15 -19.81 6.93
C ARG A 194 13.18 -18.70 7.37
N ASP A 195 12.21 -19.04 8.23
CA ASP A 195 11.38 -18.02 8.88
C ASP A 195 12.34 -17.18 9.73
N GLY A 196 12.26 -15.84 9.63
CA GLY A 196 13.20 -14.92 10.31
C GLY A 196 14.44 -14.62 9.49
N GLY A 197 14.49 -15.21 8.31
CA GLY A 197 15.57 -14.93 7.36
C GLY A 197 15.25 -13.69 6.55
N GLU A 198 16.13 -13.40 5.59
CA GLU A 198 16.29 -12.06 5.09
C GLU A 198 16.84 -12.04 3.70
N LEU A 199 16.16 -11.35 2.81
CA LEU A 199 16.71 -11.03 1.47
C LEU A 199 17.43 -9.74 1.66
N TYR A 200 18.74 -9.73 1.46
CA TYR A 200 19.57 -8.53 1.62
C TYR A 200 20.38 -8.46 0.33
N PHE A 201 20.08 -7.48 -0.53
CA PHE A 201 20.66 -7.48 -1.86
C PHE A 201 20.76 -6.12 -2.51
N SER A 202 21.68 -6.04 -3.47
CA SER A 202 21.97 -4.82 -4.24
C SER A 202 21.48 -5.02 -5.69
N ASP A 203 20.80 -4.00 -6.21
CA ASP A 203 20.39 -3.97 -7.59
C ASP A 203 20.09 -2.54 -8.08
N VAL A 204 19.95 -2.42 -9.39
CA VAL A 204 19.74 -1.18 -10.11
C VAL A 204 18.23 -0.96 -10.25
N TYR A 205 17.74 0.22 -9.86
CA TYR A 205 16.31 0.54 -9.99
C TYR A 205 16.05 1.92 -10.66
N ALA A 206 14.83 2.10 -11.19
CA ALA A 206 14.50 3.32 -11.95
C ALA A 206 13.58 4.32 -11.21
N ASP A 207 13.59 5.54 -11.74
CA ASP A 207 12.67 6.62 -11.37
C ASP A 207 11.23 6.31 -11.76
N ARG A 208 11.08 5.48 -12.79
CA ARG A 208 9.85 5.37 -13.51
C ARG A 208 9.93 4.21 -14.45
N ARG A 209 8.78 3.64 -14.76
CA ARG A 209 8.66 2.61 -15.73
C ARG A 209 9.28 3.02 -17.05
N LEU A 210 10.00 2.07 -17.65
CA LEU A 210 10.64 2.23 -18.94
C LEU A 210 9.64 2.03 -20.07
N SER A 211 9.93 2.63 -21.22
CA SER A 211 9.06 2.55 -22.39
C SER A 211 9.10 1.18 -23.01
N GLU A 212 7.98 0.78 -23.61
CA GLU A 212 7.81 -0.51 -24.27
C GLU A 212 9.02 -0.82 -25.14
N ALA A 213 9.50 0.23 -25.82
CA ALA A 213 10.68 0.17 -26.67
C ALA A 213 11.92 -0.23 -25.89
N ALA A 214 12.34 0.62 -24.96
CA ALA A 214 13.49 0.36 -24.09
C ALA A 214 13.53 -1.05 -23.46
N GLN A 215 12.36 -1.66 -23.25
CA GLN A 215 12.29 -3.00 -22.65
C GLN A 215 12.99 -3.97 -23.58
N GLN A 216 12.76 -3.78 -24.87
CA GLN A 216 13.22 -4.71 -25.93
C GLN A 216 14.72 -4.68 -26.24
N ASP A 217 15.36 -3.52 -26.06
CA ASP A 217 16.74 -3.28 -26.50
C ASP A 217 17.72 -4.12 -25.68
N PRO A 218 18.34 -5.15 -26.31
CA PRO A 218 19.28 -6.02 -25.62
C PRO A 218 20.62 -5.38 -25.25
N ILE A 219 20.89 -4.20 -25.78
CA ILE A 219 22.10 -3.48 -25.42
C ILE A 219 21.87 -2.89 -24.04
N LEU A 220 20.72 -2.22 -23.94
CA LEU A 220 20.24 -1.51 -22.74
C LEU A 220 20.04 -2.48 -21.59
N TYR A 221 19.50 -3.64 -21.95
CA TYR A 221 19.20 -4.73 -21.04
C TYR A 221 20.49 -5.32 -20.52
N GLY A 222 21.44 -5.52 -21.44
CA GLY A 222 22.75 -6.05 -21.10
C GLY A 222 23.60 -5.13 -20.24
N GLU A 223 23.31 -3.85 -20.22
CA GLU A 223 24.05 -2.96 -19.34
C GLU A 223 23.36 -2.90 -17.94
N CYS A 224 22.44 -3.86 -17.69
CA CYS A 224 21.74 -4.01 -16.39
C CYS A 224 20.89 -2.78 -16.04
N LEU A 225 20.39 -2.09 -17.08
CA LEU A 225 19.48 -0.95 -16.97
C LEU A 225 18.08 -1.33 -17.49
N GLY A 226 18.06 -2.00 -18.63
CA GLY A 226 16.80 -2.28 -19.33
C GLY A 226 15.78 -2.97 -18.46
N GLY A 227 16.21 -4.05 -17.83
CA GLY A 227 15.31 -4.83 -17.03
C GLY A 227 14.99 -4.21 -15.67
N ALA A 228 15.70 -3.15 -15.27
CA ALA A 228 15.50 -2.54 -13.93
C ALA A 228 14.07 -2.14 -13.67
N LEU A 229 13.73 -2.11 -12.39
CA LEU A 229 12.35 -1.99 -11.92
C LEU A 229 12.04 -0.58 -11.42
N TYR A 230 10.80 -0.16 -11.66
CA TYR A 230 10.29 1.04 -11.07
C TYR A 230 10.09 0.72 -9.55
N LEU A 231 10.64 1.60 -8.70
CA LEU A 231 10.70 1.31 -7.27
C LEU A 231 9.36 0.88 -6.72
N GLU A 232 8.27 1.46 -7.22
CA GLU A 232 6.93 1.17 -6.70
C GLU A 232 6.43 -0.15 -7.18
N ASP A 233 6.96 -0.62 -8.32
CA ASP A 233 6.59 -1.94 -8.83
C ASP A 233 7.38 -3.03 -8.10
N PHE A 234 8.63 -2.71 -7.75
CA PHE A 234 9.40 -3.56 -6.85
C PHE A 234 8.60 -3.87 -5.59
N ARG A 235 8.28 -2.83 -4.79
CA ARG A 235 7.52 -2.98 -3.56
C ARG A 235 6.30 -3.80 -3.80
N ARG A 236 5.54 -3.47 -4.85
CA ARG A 236 4.32 -4.24 -5.15
C ARG A 236 4.59 -5.74 -5.30
N LEU A 237 5.68 -6.08 -5.98
CA LEU A 237 6.02 -7.45 -6.31
C LEU A 237 6.48 -8.22 -5.09
N VAL A 238 7.56 -7.77 -4.48
CA VAL A 238 8.04 -8.44 -3.30
C VAL A 238 6.94 -8.71 -2.29
N ALA A 239 6.00 -7.78 -2.16
CA ALA A 239 4.85 -8.03 -1.34
C ALA A 239 4.00 -9.09 -1.99
N GLU A 240 3.62 -8.93 -3.24
CA GLU A 240 2.87 -10.00 -3.89
C GLU A 240 3.50 -11.36 -3.56
N ALA A 241 4.82 -11.37 -3.46
CA ALA A 241 5.61 -12.58 -3.21
C ALA A 241 5.85 -12.95 -1.76
N GLY A 242 5.21 -12.25 -0.82
CA GLY A 242 5.35 -12.60 0.58
C GLY A 242 6.17 -11.67 1.46
N PHE A 243 6.84 -10.67 0.89
CA PHE A 243 7.61 -9.67 1.67
C PHE A 243 6.91 -8.30 1.71
N ARG A 244 6.19 -8.04 2.80
CA ARG A 244 5.38 -6.84 2.93
C ARG A 244 6.17 -5.67 3.49
N ASP A 245 7.41 -5.89 3.93
CA ASP A 245 8.20 -4.79 4.49
C ASP A 245 9.62 -4.71 3.99
N VAL A 246 9.79 -3.83 3.01
CA VAL A 246 11.07 -3.48 2.40
C VAL A 246 11.70 -2.37 3.22
N ARG A 247 13.01 -2.48 3.50
CA ARG A 247 13.79 -1.43 4.17
C ARG A 247 15.06 -1.09 3.38
N LEU A 248 15.19 0.20 3.10
CA LEU A 248 16.29 0.77 2.32
C LEU A 248 17.53 1.01 3.17
N VAL A 249 18.64 0.43 2.73
CA VAL A 249 19.90 0.59 3.43
C VAL A 249 20.76 1.70 2.83
N SER A 250 20.85 1.71 1.50
CA SER A 250 21.73 2.62 0.74
C SER A 250 21.18 2.86 -0.64
N VAL A 251 21.39 4.08 -1.14
CA VAL A 251 21.01 4.43 -2.53
C VAL A 251 22.17 5.07 -3.22
N GLY A 252 22.38 4.71 -4.47
CA GLY A 252 23.48 5.26 -5.26
C GLY A 252 22.98 5.92 -6.54
N PRO A 253 23.49 7.13 -6.84
CA PRO A 253 23.32 7.65 -8.18
C PRO A 253 23.83 6.67 -9.20
N VAL A 254 23.02 6.34 -10.17
CA VAL A 254 23.51 5.67 -11.36
C VAL A 254 23.24 6.58 -12.54
N ASP A 255 24.24 6.73 -13.41
CA ASP A 255 24.09 7.52 -14.61
C ASP A 255 24.53 6.73 -15.81
N VAL A 256 23.62 6.71 -16.76
CA VAL A 256 23.92 6.48 -18.15
C VAL A 256 24.54 7.81 -18.59
N SER A 257 25.59 7.70 -19.42
CA SER A 257 26.33 8.83 -19.97
C SER A 257 26.36 8.69 -21.49
N ASP A 258 26.86 7.53 -21.92
CA ASP A 258 26.65 6.98 -23.26
C ASP A 258 25.24 7.29 -23.80
N PRO A 259 25.12 8.25 -24.73
CA PRO A 259 23.82 8.76 -25.18
C PRO A 259 23.13 7.90 -26.25
N GLN A 260 23.86 6.96 -26.84
CA GLN A 260 23.26 5.91 -27.66
C GLN A 260 22.16 5.15 -26.88
N LEU A 261 22.31 5.14 -25.56
CA LEU A 261 21.34 4.56 -24.62
C LEU A 261 20.39 5.63 -24.10
N ARG A 262 20.97 6.73 -23.60
CA ARG A 262 20.22 7.80 -22.95
C ARG A 262 19.05 8.36 -23.76
N LYS A 263 19.02 8.06 -25.07
CA LYS A 263 17.87 8.44 -25.88
C LYS A 263 16.63 7.63 -25.53
N LEU A 264 16.77 6.32 -25.26
CA LEU A 264 15.59 5.49 -24.94
C LEU A 264 15.05 5.69 -23.52
N VAL A 265 15.77 6.45 -22.71
CA VAL A 265 15.42 6.64 -21.30
C VAL A 265 15.63 8.10 -20.89
N PRO A 266 15.04 9.02 -21.65
CA PRO A 266 15.37 10.42 -21.54
C PRO A 266 15.38 10.91 -20.10
N ASP A 267 14.21 11.02 -19.47
CA ASP A 267 14.16 11.74 -18.18
C ASP A 267 14.35 10.81 -16.99
N VAL A 268 14.65 9.53 -17.26
CA VAL A 268 14.84 8.51 -16.22
C VAL A 268 15.99 8.89 -15.27
N GLN A 269 15.87 8.41 -14.04
CA GLN A 269 16.93 8.53 -13.09
C GLN A 269 17.11 7.15 -12.51
N PHE A 270 18.12 6.45 -13.03
CA PHE A 270 18.49 5.16 -12.50
C PHE A 270 19.20 5.24 -11.15
N TYR A 271 18.87 4.29 -10.28
CA TYR A 271 19.45 4.22 -8.94
C TYR A 271 20.18 2.89 -8.76
N SER A 272 20.95 2.84 -7.68
CA SER A 272 21.51 1.61 -7.19
C SER A 272 21.11 1.50 -5.73
N CYS A 273 20.14 0.64 -5.45
CA CYS A 273 19.66 0.52 -4.08
C CYS A 273 19.99 -0.82 -3.43
N THR A 274 20.30 -0.75 -2.15
CA THR A 274 20.52 -1.94 -1.37
C THR A 274 19.41 -2.03 -0.31
N PHE A 275 18.67 -3.13 -0.43
CA PHE A 275 17.40 -3.36 0.24
C PHE A 275 17.40 -4.63 1.15
N ARG A 276 16.89 -4.55 2.39
CA ARG A 276 16.67 -5.80 3.15
C ARG A 276 15.19 -6.07 3.28
N CYS A 277 14.78 -7.29 2.97
CA CYS A 277 13.39 -7.72 3.15
C CYS A 277 13.34 -8.99 4.00
N PHE A 278 12.80 -8.89 5.21
CA PHE A 278 12.70 -10.06 6.08
C PHE A 278 11.52 -11.02 5.82
N LYS A 279 11.80 -12.30 5.94
CA LYS A 279 10.77 -13.31 5.83
C LYS A 279 10.26 -13.50 7.22
N VAL A 280 9.09 -12.93 7.49
CA VAL A 280 8.47 -12.98 8.81
C VAL A 280 6.96 -12.87 8.66
N ALA A 281 6.21 -13.86 9.14
CA ALA A 281 4.78 -13.99 8.82
C ALA A 281 3.85 -12.89 9.37
N THR A 282 4.27 -12.18 10.43
CA THR A 282 3.41 -11.22 11.08
C THR A 282 3.63 -9.77 10.65
N LEU A 283 4.49 -9.55 9.66
CA LEU A 283 4.68 -8.21 9.16
C LEU A 283 3.39 -7.76 8.52
N GLU A 284 3.08 -6.47 8.67
CA GLU A 284 2.06 -5.85 7.85
C GLU A 284 2.72 -4.90 6.87
N ALA A 285 1.95 -4.48 5.87
CA ALA A 285 2.42 -3.49 4.88
C ALA A 285 2.57 -2.08 5.42
N THR A 286 2.10 -1.82 6.65
CA THR A 286 2.20 -0.50 7.27
C THR A 286 2.90 -0.62 8.60
N ARG A 287 3.66 0.40 8.96
CA ARG A 287 4.44 0.40 10.17
C ARG A 287 3.63 0.94 11.35
N GLU A 288 2.77 0.08 11.88
CA GLU A 288 1.98 0.38 13.05
C GLU A 288 2.82 0.45 14.38
N ASP A 289 2.27 1.15 15.37
CA ASP A 289 2.97 1.37 16.63
C ASP A 289 2.20 0.80 17.82
N TYR A 290 2.83 -0.09 18.57
CA TYR A 290 2.19 -0.72 19.72
C TYR A 290 2.97 -0.44 21.01
N GLY A 291 3.80 0.58 21.01
CA GLY A 291 4.36 1.04 22.27
C GLY A 291 5.69 0.46 22.63
N GLN A 292 6.17 -0.44 21.78
CA GLN A 292 7.35 -1.21 22.13
C GLN A 292 8.62 -0.39 21.90
N SER A 293 9.58 -0.58 22.79
CA SER A 293 10.96 -0.20 22.50
C SER A 293 11.72 -1.48 22.23
N ALA A 294 13.01 -1.33 21.95
CA ALA A 294 13.91 -2.45 21.81
C ALA A 294 15.32 -1.96 22.04
N THR A 295 16.16 -2.80 22.61
CA THR A 295 17.46 -2.35 23.03
C THR A 295 18.61 -3.33 22.61
N TYR A 296 19.58 -2.74 21.96
CA TYR A 296 20.77 -3.45 21.53
C TYR A 296 21.60 -3.75 22.77
N LEU A 297 22.12 -4.98 22.86
CA LEU A 297 22.85 -5.42 24.04
C LEU A 297 24.37 -5.54 23.88
N GLY A 298 24.92 -5.09 22.76
CA GLY A 298 26.33 -5.35 22.42
C GLY A 298 26.59 -6.81 22.03
N GLY A 299 27.83 -7.09 21.61
CA GLY A 299 28.19 -8.42 21.11
C GLY A 299 28.88 -8.22 19.78
N ILE A 300 28.27 -7.36 18.97
CA ILE A 300 28.90 -6.75 17.82
C ILE A 300 29.55 -5.45 18.32
N GLY A 301 29.22 -4.31 17.70
CA GLY A 301 29.99 -3.06 17.91
C GLY A 301 29.36 -2.18 18.96
N GLU A 302 29.78 -0.93 18.99
CA GLU A 302 29.17 0.05 19.87
C GLU A 302 27.69 0.20 19.59
N GLU A 303 27.34 0.12 18.32
CA GLU A 303 25.98 0.31 17.86
C GLU A 303 25.59 -0.63 16.72
N PHE A 304 24.33 -1.06 16.72
CA PHE A 304 23.79 -1.82 15.61
C PHE A 304 22.87 -0.95 14.75
N LYS A 305 23.23 -0.76 13.48
CA LYS A 305 22.44 0.07 12.56
C LYS A 305 21.58 -0.75 11.57
N LEU A 306 20.28 -0.78 11.81
CA LEU A 306 19.36 -1.65 11.08
C LEU A 306 18.98 -1.13 9.70
N ASP A 307 18.76 0.17 9.58
CA ASP A 307 18.40 0.77 8.31
C ASP A 307 18.59 2.30 8.42
N ARG A 308 18.23 3.03 7.38
CA ARG A 308 18.35 4.48 7.44
C ARG A 308 17.64 5.11 8.60
N PHE A 309 16.64 4.41 9.14
CA PHE A 309 15.75 5.00 10.12
C PHE A 309 16.08 4.62 11.57
N PHE A 310 16.71 3.47 11.79
CA PHE A 310 16.95 2.96 13.15
C PHE A 310 18.41 2.64 13.46
N THR A 311 18.88 3.13 14.60
CA THR A 311 20.26 2.93 15.04
C THR A 311 20.19 2.72 16.53
N PHE A 312 20.50 1.51 16.96
CA PHE A 312 20.41 1.14 18.36
C PHE A 312 21.85 1.10 18.85
N PRO A 313 22.20 1.95 19.85
CA PRO A 313 23.51 1.83 20.45
C PRO A 313 23.38 0.97 21.70
N ARG A 314 24.53 0.58 22.26
CA ARG A 314 24.56 -0.43 23.32
C ARG A 314 23.82 0.04 24.57
N GLU A 315 22.80 -0.75 24.95
CA GLU A 315 21.99 -0.53 26.15
C GLU A 315 21.18 0.77 26.18
N LYS A 316 20.89 1.35 25.02
CA LYS A 316 19.98 2.51 24.93
C LYS A 316 18.67 2.10 24.23
N PRO A 317 17.54 2.04 24.97
CA PRO A 317 16.31 1.67 24.27
C PRO A 317 15.89 2.73 23.29
N VAL A 318 15.08 2.30 22.33
CA VAL A 318 14.74 3.06 21.14
C VAL A 318 13.39 2.52 20.73
N ARG A 319 12.44 3.43 20.49
CA ARG A 319 11.05 3.01 20.28
C ARG A 319 11.00 2.53 18.87
N VAL A 320 10.09 1.57 18.60
CA VAL A 320 9.94 0.96 17.28
C VAL A 320 8.51 0.59 16.91
N ASP A 321 8.23 0.59 15.62
CA ASP A 321 6.96 0.06 15.13
C ASP A 321 6.91 -1.44 15.28
N ARG A 322 5.71 -1.97 15.26
CA ARG A 322 5.55 -3.40 15.45
C ARG A 322 6.42 -4.23 14.47
N ASN A 323 6.39 -3.95 13.18
CA ASN A 323 7.22 -4.70 12.24
C ASN A 323 8.66 -4.72 12.67
N THR A 324 9.17 -3.56 13.06
CA THR A 324 10.58 -3.49 13.41
C THR A 324 10.87 -4.38 14.63
N ALA A 325 9.85 -4.76 15.34
CA ALA A 325 10.07 -5.47 16.57
C ALA A 325 10.05 -6.92 16.22
N GLU A 326 9.01 -7.29 15.48
CA GLU A 326 8.88 -8.62 14.90
C GLU A 326 10.10 -9.00 14.09
N ILE A 327 10.71 -8.05 13.38
CA ILE A 327 11.94 -8.40 12.65
C ILE A 327 12.99 -8.87 13.63
N ILE A 328 13.33 -8.01 14.59
CA ILE A 328 14.35 -8.29 15.61
C ILE A 328 14.09 -9.60 16.37
N ARG A 329 12.83 -9.84 16.69
CA ARG A 329 12.47 -10.95 17.53
C ARG A 329 12.66 -12.26 16.80
N HIS A 330 12.18 -12.31 15.56
CA HIS A 330 12.16 -13.56 14.78
C HIS A 330 13.35 -13.84 13.87
N SER A 331 14.15 -12.83 13.59
CA SER A 331 15.36 -12.99 12.83
C SER A 331 16.51 -13.46 13.73
N ARG A 332 17.68 -13.63 13.14
CA ARG A 332 18.87 -13.96 13.89
C ARG A 332 19.22 -12.91 14.88
N LEU A 333 18.51 -11.79 14.83
CA LEU A 333 18.85 -10.68 15.68
C LEU A 333 18.39 -10.84 17.13
N HIS A 334 17.38 -11.66 17.41
CA HIS A 334 16.87 -11.74 18.77
C HIS A 334 18.00 -11.95 19.77
N GLN A 335 19.10 -12.58 19.35
CA GLN A 335 20.18 -12.86 20.28
C GLN A 335 20.98 -11.63 20.74
N TRP A 336 21.00 -10.55 19.97
CA TRP A 336 21.67 -9.34 20.45
C TRP A 336 20.66 -8.32 20.94
N PHE A 337 19.45 -8.78 21.26
CA PHE A 337 18.31 -7.88 21.35
C PHE A 337 17.19 -8.26 22.34
N SER A 338 17.03 -7.37 23.31
CA SER A 338 15.88 -7.34 24.17
C SER A 338 14.81 -6.48 23.52
N VAL A 339 13.56 -6.97 23.51
CA VAL A 339 12.41 -6.33 22.83
C VAL A 339 11.11 -6.33 23.67
N SER A 340 10.73 -5.11 24.10
CA SER A 340 9.50 -4.82 24.85
C SER A 340 8.28 -5.53 24.32
N ALA A 341 7.22 -5.55 25.12
CA ALA A 341 5.98 -6.19 24.69
C ALA A 341 5.09 -5.23 23.95
N GLU A 342 4.33 -5.81 23.04
CA GLU A 342 3.18 -5.12 22.49
C GLU A 342 2.34 -4.57 23.64
N GLN A 343 1.77 -3.39 23.39
CA GLN A 343 0.83 -2.73 24.28
C GLN A 343 -0.36 -2.31 23.40
N GLN A 344 -0.79 -1.07 23.56
CA GLN A 344 -1.98 -0.59 22.89
C GLN A 344 -1.58 0.02 21.60
N HIS A 345 -2.50 -0.08 20.64
CA HIS A 345 -2.25 0.45 19.30
C HIS A 345 -2.37 1.96 19.33
N MET A 346 -1.34 2.65 18.87
CA MET A 346 -1.34 4.10 18.83
C MET A 346 -1.38 4.63 17.38
N GLY A 347 -1.87 3.80 16.45
CA GLY A 347 -1.89 4.15 15.02
C GLY A 347 -0.51 4.27 14.44
N LEU A 348 -0.42 4.79 13.22
CA LEU A 348 0.88 4.88 12.53
C LEU A 348 2.02 5.35 13.41
N PHE A 349 3.17 4.68 13.26
CA PHE A 349 4.35 4.91 14.08
C PHE A 349 4.94 6.27 13.80
N LYS A 350 5.06 7.09 14.82
CA LYS A 350 5.62 8.40 14.65
C LYS A 350 6.71 8.73 15.65
N ALA A 351 7.31 7.70 16.26
CA ALA A 351 8.34 7.90 17.31
C ALA A 351 9.73 8.20 16.80
N ASN A 352 9.86 8.53 15.52
CA ASN A 352 11.14 8.68 14.84
C ASN A 352 11.24 10.12 14.38
N ASP A 353 12.45 10.62 14.20
CA ASP A 353 12.64 11.98 13.71
C ASP A 353 12.64 12.09 12.16
N SER A 354 12.42 10.98 11.47
CA SER A 354 12.14 10.97 10.02
C SER A 354 10.83 10.23 9.73
N TYR A 355 9.98 10.09 10.76
CA TYR A 355 8.77 9.27 10.68
C TYR A 355 7.92 9.65 9.49
N ALA A 356 7.85 10.92 9.15
CA ALA A 356 7.17 11.34 7.94
C ALA A 356 7.67 10.48 6.79
N LEU A 357 8.98 10.53 6.55
CA LEU A 357 9.63 9.81 5.45
C LEU A 357 9.49 8.29 5.54
N LEU A 358 9.65 7.75 6.74
CA LEU A 358 9.41 6.31 7.00
C LEU A 358 8.15 5.78 6.33
N HIS A 359 7.12 6.60 6.35
CA HIS A 359 5.82 6.22 5.81
C HIS A 359 5.62 6.65 4.37
N ALA A 360 6.61 7.35 3.81
CA ALA A 360 6.47 7.82 2.45
C ALA A 360 6.62 6.65 1.47
N PRO A 361 6.14 6.84 0.24
CA PRO A 361 6.38 5.87 -0.80
C PRO A 361 7.86 5.67 -0.92
N LEU A 362 8.21 4.61 -1.62
CA LEU A 362 9.59 4.21 -1.77
C LEU A 362 10.36 5.18 -2.71
N SER A 363 9.82 5.49 -3.89
CA SER A 363 10.39 6.55 -4.76
C SER A 363 10.83 7.79 -3.97
N MET A 364 9.97 8.28 -3.09
CA MET A 364 10.26 9.50 -2.36
C MET A 364 11.35 9.27 -1.36
N GLN A 365 11.31 8.15 -0.68
CA GLN A 365 12.39 7.83 0.24
C GLN A 365 13.74 7.90 -0.49
N VAL A 366 13.81 7.39 -1.72
CA VAL A 366 15.10 7.28 -2.36
C VAL A 366 15.50 8.56 -3.13
N GLU A 367 14.58 9.50 -3.37
CA GLU A 367 14.97 10.84 -3.86
C GLU A 367 15.58 11.66 -2.72
N GLN A 368 14.93 11.63 -1.55
CA GLN A 368 15.34 12.43 -0.38
C GLN A 368 16.71 12.06 0.16
N LEU A 369 16.98 10.77 0.38
CA LEU A 369 18.37 10.34 0.44
C LEU A 369 18.83 10.24 -1.00
N VAL A 370 19.94 10.91 -1.33
CA VAL A 370 20.44 11.20 -2.71
C VAL A 370 20.19 12.68 -3.10
N SER A 371 19.14 13.30 -2.53
CA SER A 371 18.91 14.76 -2.61
C SER A 371 18.78 15.28 -4.04
N LEU B 39 -27.61 8.96 21.62
CA LEU B 39 -27.83 10.18 22.47
C LEU B 39 -26.52 10.65 23.16
N LYS B 40 -25.48 9.81 23.14
CA LYS B 40 -24.11 10.24 23.51
C LYS B 40 -23.21 10.57 22.29
N THR B 41 -21.90 10.62 22.50
CA THR B 41 -20.94 10.68 21.39
C THR B 41 -21.07 11.87 20.43
N SER B 42 -22.14 11.90 19.64
CA SER B 42 -22.26 12.75 18.43
C SER B 42 -21.86 11.99 17.17
N ALA B 43 -21.50 10.72 17.32
CA ALA B 43 -21.13 9.87 16.20
C ALA B 43 -22.24 9.84 15.17
N CYS B 44 -23.44 9.44 15.59
CA CYS B 44 -24.56 9.28 14.64
C CYS B 44 -25.34 10.56 14.50
N LYS B 45 -24.62 11.67 14.62
CA LYS B 45 -25.15 13.01 14.42
C LYS B 45 -24.30 13.64 13.30
N LEU B 46 -24.94 14.47 12.50
CA LEU B 46 -24.30 15.12 11.35
C LEU B 46 -23.07 15.93 11.82
N ALA B 47 -21.91 15.56 11.29
CA ALA B 47 -20.66 16.23 11.64
C ALA B 47 -20.28 17.37 10.67
N ALA B 48 -21.26 18.05 10.06
CA ALA B 48 -20.96 19.16 9.15
C ALA B 48 -22.19 19.65 8.40
N ALA B 49 -22.18 20.94 8.07
CA ALA B 49 -23.30 21.58 7.39
C ALA B 49 -23.70 20.82 6.14
N VAL B 50 -25.00 20.80 5.86
CA VAL B 50 -25.48 20.20 4.63
C VAL B 50 -25.26 21.16 3.48
N PRO B 51 -24.76 20.65 2.36
CA PRO B 51 -24.52 21.45 1.19
C PRO B 51 -25.73 22.29 0.75
N GLU B 52 -25.46 23.35 -0.01
CA GLU B 52 -26.48 24.28 -0.48
C GLU B 52 -27.57 23.54 -1.25
N SER B 53 -27.14 22.84 -2.30
CA SER B 53 -28.03 22.07 -3.18
C SER B 53 -29.08 21.37 -2.34
N HIS B 54 -28.63 20.82 -1.24
CA HIS B 54 -29.41 19.90 -0.46
C HIS B 54 -30.39 20.52 0.49
N ARG B 55 -30.05 21.64 1.12
CA ARG B 55 -30.97 22.22 2.08
C ARG B 55 -32.31 22.53 1.37
N LYS B 56 -32.19 23.16 0.20
CA LYS B 56 -33.34 23.55 -0.63
C LYS B 56 -34.36 22.43 -0.76
N ILE B 57 -33.86 21.20 -0.84
CA ILE B 57 -34.69 19.98 -0.85
C ILE B 57 -35.10 19.70 0.60
N LEU B 58 -34.50 18.70 1.25
CA LEU B 58 -34.59 18.47 2.68
C LEU B 58 -35.71 19.18 3.46
N ALA B 59 -35.82 20.50 3.34
CA ALA B 59 -36.95 21.22 3.95
C ALA B 59 -38.27 20.53 3.61
N ASP B 60 -38.46 20.32 2.29
CA ASP B 60 -39.63 19.62 1.72
C ASP B 60 -39.74 18.14 2.13
N ILE B 61 -38.63 17.46 2.34
CA ILE B 61 -38.66 16.17 3.02
C ILE B 61 -39.43 16.27 4.35
N ALA B 62 -39.98 15.13 4.77
CA ALA B 62 -40.99 15.07 5.80
C ALA B 62 -40.42 15.01 7.19
N ASP B 63 -40.85 15.95 8.02
CA ASP B 63 -40.33 16.13 9.39
C ASP B 63 -40.10 14.81 10.16
N GLU B 64 -40.99 13.83 10.01
CA GLU B 64 -40.85 12.59 10.75
C GLU B 64 -39.64 11.79 10.26
N VAL B 65 -39.50 11.65 8.94
CA VAL B 65 -38.35 10.92 8.41
C VAL B 65 -37.07 11.73 8.70
N LEU B 66 -37.21 13.05 8.65
CA LEU B 66 -36.10 13.97 8.87
C LEU B 66 -35.60 14.00 10.33
N GLU B 67 -36.48 13.88 11.32
CA GLU B 67 -36.00 13.48 12.65
C GLU B 67 -35.76 11.98 12.53
N LYS B 68 -35.58 11.27 13.64
CA LYS B 68 -35.17 9.85 13.58
C LYS B 68 -34.26 9.49 12.37
N PHE B 69 -33.24 10.30 12.19
CA PHE B 69 -32.22 10.16 11.14
C PHE B 69 -30.89 10.15 11.89
N TYR B 70 -30.09 9.11 11.66
CA TYR B 70 -28.90 8.91 12.44
C TYR B 70 -27.62 8.92 11.59
N GLY B 71 -27.64 9.72 10.53
CA GLY B 71 -26.50 9.84 9.62
C GLY B 71 -25.38 10.59 10.29
N CYS B 72 -24.14 10.38 9.83
CA CYS B 72 -22.98 11.05 10.43
C CYS B 72 -22.35 12.10 9.51
N GLY B 73 -22.86 12.25 8.29
CA GLY B 73 -22.24 13.18 7.31
C GLY B 73 -23.10 13.25 6.05
N SER B 74 -22.57 13.76 4.93
CA SER B 74 -23.22 13.66 3.61
C SER B 74 -22.77 12.39 2.86
N THR B 75 -23.72 11.73 2.16
CA THR B 75 -23.38 10.67 1.19
C THR B 75 -23.90 10.94 -0.18
N LEU B 76 -24.28 12.17 -0.47
CA LEU B 76 -24.73 12.49 -1.79
C LEU B 76 -23.86 13.60 -2.27
N PRO B 77 -23.36 13.48 -3.50
CA PRO B 77 -22.57 14.51 -4.13
C PRO B 77 -23.02 15.95 -3.95
N ALA B 78 -24.13 16.36 -4.55
CA ALA B 78 -24.35 17.81 -4.78
C ALA B 78 -23.22 18.52 -5.58
N ASP B 79 -22.47 17.75 -6.36
CA ASP B 79 -21.72 18.26 -7.50
C ASP B 79 -22.65 18.26 -8.72
N GLY B 80 -23.84 17.68 -8.56
CA GLY B 80 -24.92 17.84 -9.52
C GLY B 80 -24.80 16.92 -10.70
N SER B 81 -24.37 15.69 -10.44
CA SER B 81 -23.92 14.75 -11.46
C SER B 81 -24.68 13.44 -11.46
N LEU B 82 -25.93 13.44 -11.02
CA LEU B 82 -26.63 12.17 -10.81
C LEU B 82 -27.99 12.07 -11.42
N GLU B 83 -28.36 13.00 -12.30
CA GLU B 83 -29.68 12.94 -12.89
C GLU B 83 -29.66 11.67 -13.72
N GLY B 84 -30.53 10.72 -13.36
CA GLY B 84 -30.69 9.46 -14.09
C GLY B 84 -30.13 8.21 -13.46
N ALA B 85 -29.37 8.35 -12.39
CA ALA B 85 -28.69 7.20 -11.81
C ALA B 85 -29.58 6.32 -10.93
N THR B 86 -29.35 5.03 -11.02
CA THR B 86 -29.86 4.11 -10.03
C THR B 86 -28.98 4.35 -8.80
N VAL B 87 -29.55 4.22 -7.61
CA VAL B 87 -28.86 4.45 -6.33
C VAL B 87 -29.28 3.45 -5.30
N LEU B 88 -28.37 3.06 -4.42
CA LEU B 88 -28.65 2.04 -3.42
C LEU B 88 -28.13 2.44 -2.03
N ASP B 89 -29.04 2.82 -1.14
CA ASP B 89 -28.66 3.27 0.19
C ASP B 89 -28.60 2.06 1.07
N LEU B 90 -27.42 1.47 1.14
CA LEU B 90 -27.13 0.44 2.11
C LEU B 90 -27.22 0.99 3.52
N GLY B 91 -28.24 0.57 4.25
CA GLY B 91 -28.42 1.01 5.63
C GLY B 91 -29.68 1.84 5.78
N CYS B 92 -29.89 2.79 4.87
CA CYS B 92 -31.23 3.31 4.59
C CYS B 92 -31.95 4.00 5.75
N GLY B 93 -32.32 3.23 6.76
CA GLY B 93 -33.10 3.73 7.89
C GLY B 93 -34.43 4.31 7.41
N THR B 94 -34.86 5.37 8.05
CA THR B 94 -36.15 5.96 7.73
C THR B 94 -36.19 6.62 6.36
N GLY B 95 -35.10 6.58 5.61
CA GLY B 95 -35.14 6.99 4.20
C GLY B 95 -34.80 8.44 3.93
N ARG B 96 -33.96 8.99 4.79
CA ARG B 96 -33.61 10.40 4.68
C ARG B 96 -32.78 10.62 3.43
N ASP B 97 -31.69 9.85 3.32
CA ASP B 97 -30.82 9.95 2.15
C ASP B 97 -31.53 9.45 0.87
N VAL B 98 -32.44 8.48 1.02
CA VAL B 98 -33.19 7.97 -0.11
C VAL B 98 -34.09 9.05 -0.70
N TYR B 99 -34.79 9.82 0.14
CA TYR B 99 -35.70 10.83 -0.42
C TYR B 99 -34.90 12.01 -0.95
N LEU B 100 -33.74 12.27 -0.36
CA LEU B 100 -32.80 13.25 -0.94
C LEU B 100 -32.40 12.76 -2.33
N ALA B 101 -31.99 11.49 -2.39
CA ALA B 101 -31.56 10.88 -3.64
C ALA B 101 -32.66 11.01 -4.69
N SER B 102 -33.87 10.61 -4.31
CA SER B 102 -35.05 10.76 -5.18
C SER B 102 -34.96 12.09 -5.96
N LYS B 103 -35.08 13.23 -5.28
CA LYS B 103 -35.20 14.50 -6.00
C LYS B 103 -34.00 14.79 -6.92
N LEU B 104 -32.80 14.47 -6.47
CA LEU B 104 -31.60 14.75 -7.23
C LEU B 104 -31.48 13.90 -8.51
N VAL B 105 -31.72 12.60 -8.38
CA VAL B 105 -31.67 11.71 -9.54
C VAL B 105 -32.83 12.02 -10.49
N GLY B 106 -33.93 12.54 -9.93
CA GLY B 106 -35.05 12.98 -10.72
C GLY B 106 -35.91 11.84 -11.25
N GLU B 107 -36.56 12.11 -12.39
CA GLU B 107 -37.68 11.30 -12.91
C GLU B 107 -37.30 10.07 -13.75
N HIS B 108 -36.13 10.01 -14.40
CA HIS B 108 -35.53 8.68 -14.61
C HIS B 108 -34.71 8.48 -13.36
N GLY B 109 -34.18 7.27 -13.22
CA GLY B 109 -33.29 6.98 -12.14
C GLY B 109 -34.13 6.50 -10.99
N LYS B 110 -33.76 5.32 -10.51
CA LYS B 110 -34.40 4.71 -9.39
C LYS B 110 -33.63 5.15 -8.16
N VAL B 111 -34.18 4.79 -7.01
CA VAL B 111 -33.50 4.85 -5.74
C VAL B 111 -34.00 3.63 -5.00
N ILE B 112 -33.08 2.89 -4.40
CA ILE B 112 -33.41 1.65 -3.75
C ILE B 112 -32.78 1.70 -2.38
N GLY B 113 -33.59 1.75 -1.34
CA GLY B 113 -33.10 1.71 0.03
C GLY B 113 -33.17 0.31 0.62
N VAL B 114 -32.22 -0.03 1.49
CA VAL B 114 -32.17 -1.34 2.11
C VAL B 114 -31.85 -1.28 3.60
N ASP B 115 -32.80 -1.72 4.44
CA ASP B 115 -32.54 -1.90 5.88
C ASP B 115 -32.89 -3.32 6.40
N MET B 116 -32.31 -3.70 7.54
CA MET B 116 -32.66 -4.96 8.24
C MET B 116 -33.92 -4.82 9.15
N LEU B 117 -34.16 -3.66 9.76
CA LEU B 117 -35.30 -3.47 10.68
C LEU B 117 -36.63 -3.05 10.03
N ASP B 118 -37.73 -3.57 10.59
CA ASP B 118 -39.06 -3.30 10.08
C ASP B 118 -39.54 -1.95 10.57
N ASN B 119 -39.38 -1.71 11.87
CA ASN B 119 -39.74 -0.42 12.49
C ASN B 119 -39.17 0.79 11.73
N GLN B 120 -37.90 0.69 11.35
CA GLN B 120 -37.27 1.71 10.50
C GLN B 120 -37.98 1.84 9.17
N LEU B 121 -38.11 0.70 8.51
CA LEU B 121 -38.59 0.66 7.13
C LEU B 121 -40.04 1.11 7.01
N GLU B 122 -40.85 0.90 8.05
CA GLU B 122 -42.28 1.29 8.06
C GLU B 122 -42.44 2.79 7.87
N VAL B 123 -41.67 3.52 8.70
CA VAL B 123 -41.54 4.98 8.66
C VAL B 123 -41.21 5.49 7.26
N ALA B 124 -40.29 4.79 6.60
CA ALA B 124 -39.90 5.16 5.25
C ALA B 124 -41.05 5.04 4.28
N ARG B 125 -41.60 3.83 4.19
CA ARG B 125 -42.64 3.47 3.23
C ARG B 125 -43.86 4.38 3.33
N LYS B 126 -44.16 4.86 4.54
CA LYS B 126 -45.29 5.77 4.71
C LYS B 126 -45.26 6.92 3.70
N TYR B 127 -44.09 7.51 3.47
CA TYR B 127 -44.01 8.76 2.69
C TYR B 127 -43.61 8.59 1.24
N VAL B 128 -43.69 7.38 0.70
CA VAL B 128 -43.31 7.17 -0.70
C VAL B 128 -44.16 8.09 -1.60
N GLU B 129 -45.47 7.93 -1.48
CA GLU B 129 -46.38 8.68 -2.32
C GLU B 129 -46.26 10.16 -1.95
N TYR B 130 -46.07 10.44 -0.67
CA TYR B 130 -45.88 11.83 -0.21
C TYR B 130 -44.73 12.55 -0.96
N HIS B 131 -43.54 11.95 -0.93
CA HIS B 131 -42.33 12.54 -1.53
C HIS B 131 -42.38 12.60 -3.04
N ALA B 132 -43.09 11.64 -3.64
CA ALA B 132 -43.41 11.70 -5.05
C ALA B 132 -44.16 13.01 -5.37
N GLU B 133 -45.14 13.34 -4.53
CA GLU B 133 -45.94 14.54 -4.70
C GLU B 133 -45.05 15.77 -4.71
N LYS B 134 -44.30 15.94 -3.62
CA LYS B 134 -43.49 17.16 -3.37
C LYS B 134 -42.55 17.50 -4.50
N PHE B 135 -41.85 16.48 -4.98
CA PHE B 135 -40.81 16.61 -5.99
C PHE B 135 -41.35 16.71 -7.41
N PHE B 136 -42.27 15.81 -7.75
CA PHE B 136 -42.71 15.64 -9.14
C PHE B 136 -44.10 16.22 -9.43
N GLY B 137 -45.04 16.04 -8.49
CA GLY B 137 -46.44 16.47 -8.67
C GLY B 137 -47.34 15.31 -9.03
N SER B 138 -46.80 14.10 -8.95
CA SER B 138 -47.40 12.90 -9.52
C SER B 138 -47.36 11.78 -8.46
N PRO B 139 -48.05 11.99 -7.31
CA PRO B 139 -48.05 10.99 -6.23
C PRO B 139 -48.11 9.56 -6.74
N SER B 140 -48.80 9.39 -7.88
CA SER B 140 -49.05 8.08 -8.46
C SER B 140 -47.79 7.32 -8.86
N ARG B 141 -46.64 7.99 -8.88
CA ARG B 141 -45.38 7.26 -8.74
C ARG B 141 -44.10 8.09 -8.45
N SER B 142 -43.36 7.54 -7.50
CA SER B 142 -42.00 7.91 -7.20
C SER B 142 -41.08 6.85 -7.83
N ASN B 143 -39.77 7.10 -7.69
CA ASN B 143 -38.70 6.17 -8.10
C ASN B 143 -38.28 5.29 -6.95
N VAL B 144 -38.56 5.80 -5.76
CA VAL B 144 -38.16 5.17 -4.52
C VAL B 144 -38.79 3.79 -4.40
N ARG B 145 -38.14 2.94 -3.62
CA ARG B 145 -38.47 1.53 -3.49
C ARG B 145 -37.59 0.98 -2.37
N PHE B 146 -38.13 0.16 -1.46
CA PHE B 146 -37.38 -0.37 -0.30
C PHE B 146 -37.41 -1.89 -0.12
N LEU B 147 -36.31 -2.44 0.39
CA LEU B 147 -36.15 -3.89 0.55
C LEU B 147 -35.75 -4.22 1.98
N LYS B 148 -36.25 -5.33 2.51
CA LYS B 148 -35.79 -5.83 3.82
C LYS B 148 -34.64 -6.84 3.62
N GLY B 149 -33.58 -6.71 4.41
CA GLY B 149 -32.49 -7.68 4.36
C GLY B 149 -31.16 -7.25 4.93
N PHE B 150 -30.26 -8.23 5.02
CA PHE B 150 -28.89 -7.99 5.42
C PHE B 150 -28.11 -7.37 4.25
N ILE B 151 -27.24 -6.42 4.58
CA ILE B 151 -26.51 -5.70 3.55
C ILE B 151 -25.32 -6.51 3.11
N GLU B 152 -25.00 -7.54 3.87
CA GLU B 152 -23.96 -8.46 3.48
C GLU B 152 -24.50 -9.47 2.43
N ASN B 153 -25.74 -9.30 1.96
CA ASN B 153 -26.44 -10.31 1.15
C ASN B 153 -27.56 -9.70 0.35
N LEU B 154 -27.25 -9.02 -0.73
CA LEU B 154 -28.30 -8.30 -1.43
C LEU B 154 -29.22 -9.22 -2.27
N ALA B 155 -28.79 -10.45 -2.55
CA ALA B 155 -29.66 -11.45 -3.21
C ALA B 155 -30.82 -11.80 -2.28
N THR B 156 -30.49 -12.26 -1.09
CA THR B 156 -31.45 -12.57 -0.01
C THR B 156 -32.54 -11.50 0.24
N ALA B 157 -32.24 -10.22 0.01
CA ALA B 157 -33.23 -9.13 0.14
C ALA B 157 -34.56 -9.55 -0.46
N GLU B 158 -35.67 -9.13 0.15
CA GLU B 158 -36.86 -9.98 0.13
C GLU B 158 -38.00 -9.66 -0.84
N PRO B 159 -38.37 -8.39 -1.00
CA PRO B 159 -39.31 -8.17 -2.12
C PRO B 159 -38.61 -8.48 -3.46
N GLU B 160 -37.38 -7.98 -3.61
CA GLU B 160 -36.42 -8.39 -4.67
C GLU B 160 -35.04 -8.57 -4.05
N GLY B 161 -34.16 -9.24 -4.79
CA GLY B 161 -32.73 -9.21 -4.49
C GLY B 161 -32.12 -8.10 -5.33
N VAL B 162 -30.83 -7.85 -5.13
CA VAL B 162 -30.10 -6.92 -5.98
C VAL B 162 -29.07 -7.74 -6.74
N PRO B 163 -29.18 -7.79 -8.09
CA PRO B 163 -28.28 -8.61 -8.91
C PRO B 163 -26.96 -7.89 -9.26
N ASP B 164 -26.10 -8.58 -10.02
CA ASP B 164 -24.83 -8.02 -10.46
C ASP B 164 -25.00 -6.73 -11.29
N SER B 165 -23.92 -5.96 -11.43
CA SER B 165 -23.90 -4.73 -12.23
C SER B 165 -25.25 -4.02 -12.43
N SER B 166 -26.01 -3.87 -11.35
CA SER B 166 -27.34 -3.25 -11.36
C SER B 166 -27.34 -1.73 -11.25
N VAL B 167 -26.42 -1.19 -10.45
CA VAL B 167 -26.52 0.17 -9.92
C VAL B 167 -25.23 0.99 -10.04
N ASP B 168 -25.38 2.30 -10.24
CA ASP B 168 -24.24 3.17 -10.49
C ASP B 168 -23.62 3.70 -9.22
N ILE B 169 -24.45 3.92 -8.19
CA ILE B 169 -23.95 4.54 -6.97
C ILE B 169 -24.50 3.85 -5.75
N VAL B 170 -23.63 3.31 -4.93
CA VAL B 170 -24.02 2.85 -3.61
C VAL B 170 -23.73 3.96 -2.60
N ILE B 171 -24.62 4.13 -1.63
CA ILE B 171 -24.46 5.13 -0.58
C ILE B 171 -24.78 4.50 0.76
N SER B 172 -24.56 5.23 1.84
CA SER B 172 -24.62 4.70 3.18
C SER B 172 -24.07 5.78 4.10
N ASN B 173 -24.85 6.29 5.04
CA ASN B 173 -24.20 6.93 6.18
C ASN B 173 -24.50 6.34 7.51
N CYS B 174 -23.40 5.99 8.17
CA CYS B 174 -23.33 5.62 9.55
C CYS B 174 -23.82 4.21 9.77
N VAL B 175 -23.31 3.33 8.92
CA VAL B 175 -23.84 1.98 8.83
C VAL B 175 -22.80 0.89 8.73
N CYS B 176 -21.83 1.02 7.82
CA CYS B 176 -20.84 -0.04 7.57
C CYS B 176 -19.96 -0.36 8.75
N ASN B 177 -19.84 0.58 9.67
CA ASN B 177 -19.11 0.36 10.92
C ASN B 177 -19.77 -0.77 11.67
N LEU B 178 -21.11 -0.85 11.53
CA LEU B 178 -21.95 -1.83 12.23
C LEU B 178 -21.80 -3.27 11.73
N SER B 179 -21.67 -3.49 10.42
CA SER B 179 -21.54 -4.86 9.90
C SER B 179 -20.55 -5.74 10.70
N THR B 180 -20.86 -7.03 10.77
CA THR B 180 -20.01 -8.00 11.47
C THR B 180 -18.98 -8.65 10.54
N ASN B 181 -19.30 -8.63 9.25
CA ASN B 181 -18.43 -9.15 8.22
C ASN B 181 -18.30 -8.07 7.13
N LYS B 182 -17.21 -7.33 7.20
CA LYS B 182 -17.08 -6.10 6.44
C LYS B 182 -16.50 -6.43 5.07
N LEU B 183 -15.39 -7.15 5.06
CA LEU B 183 -14.84 -7.73 3.83
C LEU B 183 -15.93 -8.28 2.89
N ALA B 184 -16.88 -9.01 3.45
CA ALA B 184 -18.01 -9.47 2.65
C ALA B 184 -18.92 -8.29 2.25
N LEU B 185 -19.23 -7.42 3.23
CA LEU B 185 -20.00 -6.24 2.93
C LEU B 185 -19.46 -5.47 1.72
N PHE B 186 -18.13 -5.34 1.65
CA PHE B 186 -17.48 -4.52 0.60
C PHE B 186 -17.35 -5.27 -0.72
N LYS B 187 -17.13 -6.58 -0.66
CA LYS B 187 -17.15 -7.45 -1.86
C LYS B 187 -18.54 -7.43 -2.48
N GLU B 188 -19.50 -7.52 -1.58
CA GLU B 188 -20.88 -7.52 -1.94
C GLU B 188 -21.19 -6.19 -2.62
N ILE B 189 -20.59 -5.12 -2.13
CA ILE B 189 -20.75 -3.82 -2.75
C ILE B 189 -20.08 -3.79 -4.12
N HIS B 190 -18.95 -4.47 -4.26
CA HIS B 190 -18.26 -4.49 -5.52
C HIS B 190 -19.14 -5.10 -6.62
N ARG B 191 -19.71 -6.27 -6.39
CA ARG B 191 -20.43 -6.96 -7.48
C ARG B 191 -21.73 -6.30 -7.95
N VAL B 192 -22.46 -5.68 -7.04
CA VAL B 192 -23.66 -4.95 -7.42
C VAL B 192 -23.38 -3.71 -8.26
N LEU B 193 -22.20 -3.11 -8.11
CA LEU B 193 -21.89 -1.86 -8.85
C LEU B 193 -21.63 -2.11 -10.34
N ARG B 194 -22.26 -1.35 -11.23
CA ARG B 194 -21.80 -1.27 -12.63
C ARG B 194 -20.31 -1.01 -12.76
N ASP B 195 -19.67 -1.60 -13.77
CA ASP B 195 -18.32 -1.14 -14.13
C ASP B 195 -18.46 0.37 -14.34
N GLY B 196 -17.64 1.15 -13.65
CA GLY B 196 -17.74 2.62 -13.71
C GLY B 196 -18.53 3.25 -12.56
N GLY B 197 -19.09 2.38 -11.73
CA GLY B 197 -19.83 2.83 -10.59
C GLY B 197 -18.93 3.25 -9.44
N GLU B 198 -19.59 3.65 -8.36
CA GLU B 198 -18.98 4.37 -7.29
C GLU B 198 -19.58 4.01 -5.94
N LEU B 199 -18.75 3.64 -4.98
CA LEU B 199 -19.19 3.67 -3.57
C LEU B 199 -18.88 5.07 -3.03
N TYR B 200 -19.92 5.79 -2.61
CA TYR B 200 -19.79 7.15 -2.11
C TYR B 200 -20.46 7.12 -0.75
N PHE B 201 -19.68 7.20 0.30
CA PHE B 201 -20.28 6.92 1.59
C PHE B 201 -19.61 7.53 2.81
N SER B 202 -20.45 7.85 3.78
CA SER B 202 -20.05 8.54 4.97
C SER B 202 -20.22 7.53 6.09
N ASP B 203 -19.34 7.56 7.09
CA ASP B 203 -19.36 6.60 8.19
C ASP B 203 -18.30 7.04 9.21
N VAL B 204 -18.31 6.42 10.41
CA VAL B 204 -17.36 6.74 11.48
C VAL B 204 -16.09 5.88 11.42
N TYR B 205 -14.94 6.53 11.47
CA TYR B 205 -13.66 5.83 11.41
C TYR B 205 -12.85 6.13 12.63
N ALA B 206 -11.79 5.35 12.80
CA ALA B 206 -10.92 5.48 13.94
C ALA B 206 -9.50 5.61 13.45
N ASP B 207 -8.62 6.03 14.33
CA ASP B 207 -7.22 6.31 14.01
C ASP B 207 -6.27 5.38 14.75
N ARG B 208 -6.85 4.35 15.32
CA ARG B 208 -6.13 3.21 15.82
C ARG B 208 -7.17 2.13 16.01
N ARG B 209 -6.73 0.94 16.34
CA ARG B 209 -7.64 -0.18 16.42
C ARG B 209 -8.11 -0.23 17.85
N LEU B 210 -9.39 -0.43 18.05
CA LEU B 210 -9.90 -0.41 19.39
C LEU B 210 -9.52 -1.71 20.05
N SER B 211 -9.39 -1.66 21.36
CA SER B 211 -9.09 -2.85 22.12
C SER B 211 -10.22 -3.90 22.14
N GLU B 212 -9.82 -5.11 22.54
CA GLU B 212 -10.71 -6.26 22.61
C GLU B 212 -12.00 -5.83 23.30
N ALA B 213 -11.86 -5.32 24.51
CA ALA B 213 -13.04 -4.93 25.30
C ALA B 213 -13.93 -3.94 24.55
N ALA B 214 -13.32 -3.01 23.83
CA ALA B 214 -14.11 -2.01 23.14
C ALA B 214 -14.97 -2.61 22.02
N GLN B 215 -14.36 -3.54 21.30
CA GLN B 215 -15.06 -4.14 20.17
C GLN B 215 -16.13 -5.06 20.77
N GLN B 216 -15.85 -5.67 21.92
CA GLN B 216 -16.86 -6.44 22.66
C GLN B 216 -18.04 -5.58 23.15
N ASP B 217 -17.75 -4.49 23.86
CA ASP B 217 -18.80 -3.75 24.52
C ASP B 217 -19.94 -3.50 23.57
N PRO B 218 -21.16 -3.86 23.98
CA PRO B 218 -22.38 -3.61 23.16
C PRO B 218 -22.75 -2.14 22.95
N ILE B 219 -22.71 -1.34 24.01
CA ILE B 219 -23.26 0.03 23.97
C ILE B 219 -22.47 0.87 22.97
N LEU B 220 -21.16 0.78 23.12
CA LEU B 220 -20.19 1.40 22.25
C LEU B 220 -20.48 0.99 20.80
N TYR B 221 -20.53 -0.32 20.59
CA TYR B 221 -20.88 -0.81 19.29
C TYR B 221 -22.19 -0.14 18.76
N GLY B 222 -23.18 0.08 19.62
CA GLY B 222 -24.46 0.64 19.21
C GLY B 222 -24.49 2.14 19.07
N GLU B 223 -23.42 2.81 19.51
CA GLU B 223 -23.19 4.22 19.21
C GLU B 223 -22.58 4.53 17.82
N CYS B 224 -22.23 3.49 17.05
CA CYS B 224 -21.44 3.58 15.79
C CYS B 224 -19.94 3.84 16.02
N LEU B 225 -19.42 3.37 17.16
CA LEU B 225 -18.03 3.58 17.56
C LEU B 225 -17.21 2.30 17.71
N GLY B 226 -17.85 1.21 18.10
CA GLY B 226 -17.12 -0.01 18.45
C GLY B 226 -16.67 -0.77 17.24
N GLY B 227 -17.55 -0.84 16.24
CA GLY B 227 -17.21 -1.45 14.94
C GLY B 227 -16.44 -0.57 13.95
N ALA B 228 -16.22 0.69 14.32
CA ALA B 228 -15.45 1.66 13.54
C ALA B 228 -14.08 1.15 13.10
N LEU B 229 -13.76 1.39 11.83
CA LEU B 229 -12.48 0.94 11.30
C LEU B 229 -11.28 1.85 11.62
N TYR B 230 -10.16 1.23 11.91
CA TYR B 230 -8.91 1.93 11.80
C TYR B 230 -8.83 2.27 10.33
N LEU B 231 -8.46 3.51 10.01
CA LEU B 231 -8.37 3.94 8.61
C LEU B 231 -7.48 3.02 7.75
N GLU B 232 -6.26 2.76 8.18
CA GLU B 232 -5.38 1.92 7.39
C GLU B 232 -5.94 0.52 7.15
N ASP B 233 -6.85 0.05 8.00
CA ASP B 233 -7.47 -1.25 7.77
C ASP B 233 -8.57 -1.13 6.74
N PHE B 234 -9.32 -0.05 6.80
CA PHE B 234 -10.34 0.21 5.79
C PHE B 234 -9.70 0.29 4.42
N ARG B 235 -8.54 0.95 4.29
CA ARG B 235 -7.91 1.01 2.98
C ARG B 235 -7.53 -0.37 2.47
N ARG B 236 -7.04 -1.20 3.37
CA ARG B 236 -6.64 -2.58 3.05
C ARG B 236 -7.83 -3.47 2.74
N LEU B 237 -8.90 -3.37 3.52
CA LEU B 237 -10.09 -4.21 3.28
C LEU B 237 -10.81 -3.87 2.00
N VAL B 238 -11.05 -2.60 1.78
CA VAL B 238 -11.79 -2.19 0.62
C VAL B 238 -10.97 -2.51 -0.64
N ALA B 239 -9.65 -2.62 -0.49
CA ALA B 239 -8.80 -3.18 -1.54
C ALA B 239 -9.06 -4.71 -1.77
N GLU B 240 -8.95 -5.56 -0.73
CA GLU B 240 -9.34 -6.98 -0.87
C GLU B 240 -10.67 -7.17 -1.60
N ALA B 241 -11.60 -6.23 -1.47
CA ALA B 241 -12.89 -6.33 -2.18
C ALA B 241 -12.78 -5.81 -3.62
N GLY B 242 -11.60 -5.33 -3.97
CA GLY B 242 -11.32 -4.81 -5.29
C GLY B 242 -11.59 -3.33 -5.50
N PHE B 243 -11.30 -2.49 -4.49
CA PHE B 243 -11.30 -1.02 -4.71
C PHE B 243 -9.92 -0.49 -4.31
N ARG B 244 -9.07 -0.32 -5.31
CA ARG B 244 -7.69 0.03 -5.06
C ARG B 244 -7.50 1.54 -4.84
N ASP B 245 -8.54 2.37 -5.02
CA ASP B 245 -8.38 3.82 -4.95
C ASP B 245 -9.52 4.50 -4.19
N VAL B 246 -9.25 4.94 -2.95
CA VAL B 246 -10.26 5.65 -2.16
C VAL B 246 -9.93 7.12 -2.08
N ARG B 247 -10.91 7.96 -2.40
CA ARG B 247 -10.76 9.41 -2.32
C ARG B 247 -11.45 10.01 -1.12
N LEU B 248 -10.70 10.75 -0.30
CA LEU B 248 -11.27 11.49 0.85
C LEU B 248 -11.95 12.80 0.44
N VAL B 249 -13.25 12.84 0.59
CA VAL B 249 -14.05 13.98 0.14
C VAL B 249 -14.20 15.01 1.25
N SER B 250 -14.54 14.55 2.45
CA SER B 250 -14.62 15.43 3.62
C SER B 250 -14.48 14.64 4.91
N VAL B 251 -14.05 15.32 5.96
CA VAL B 251 -13.88 14.72 7.28
C VAL B 251 -14.31 15.73 8.38
N GLY B 252 -14.86 15.22 9.48
CA GLY B 252 -15.23 16.05 10.63
C GLY B 252 -14.87 15.31 11.93
N PRO B 253 -14.69 16.04 13.05
CA PRO B 253 -14.39 15.36 14.33
C PRO B 253 -15.58 14.64 14.84
N VAL B 254 -15.33 13.73 15.77
CA VAL B 254 -16.39 13.04 16.45
C VAL B 254 -16.05 13.12 17.91
N ASP B 255 -16.80 13.89 18.67
CA ASP B 255 -16.57 13.92 20.11
C ASP B 255 -17.16 12.66 20.72
N VAL B 256 -16.63 12.21 21.83
CA VAL B 256 -17.23 11.05 22.46
C VAL B 256 -17.48 11.44 23.88
N SER B 257 -18.75 11.73 24.14
CA SER B 257 -19.21 12.46 25.31
C SER B 257 -19.17 11.65 26.60
N ASP B 258 -19.93 10.55 26.68
CA ASP B 258 -19.97 9.66 27.86
C ASP B 258 -18.58 9.34 28.38
N PRO B 259 -18.26 9.73 29.63
CA PRO B 259 -16.93 9.42 30.19
C PRO B 259 -16.66 7.94 30.47
N GLN B 260 -17.70 7.12 30.58
CA GLN B 260 -17.54 5.67 30.78
C GLN B 260 -17.22 4.94 29.47
N LEU B 261 -17.84 5.42 28.38
CA LEU B 261 -17.44 5.02 27.02
C LEU B 261 -16.03 5.47 26.73
N ARG B 262 -15.76 6.76 26.92
CA ARG B 262 -14.42 7.24 26.66
C ARG B 262 -13.43 6.30 27.28
N LYS B 263 -13.72 5.90 28.52
CA LYS B 263 -12.87 5.00 29.32
C LYS B 263 -12.38 3.78 28.52
N LEU B 264 -13.30 3.18 27.78
CA LEU B 264 -12.99 2.04 26.89
C LEU B 264 -12.03 2.37 25.72
N VAL B 265 -11.98 3.64 25.29
CA VAL B 265 -11.18 4.07 24.16
C VAL B 265 -10.18 5.18 24.48
N PRO B 266 -9.32 4.95 25.48
CA PRO B 266 -8.34 5.98 25.75
C PRO B 266 -7.58 6.36 24.49
N ASP B 267 -7.46 7.65 24.27
CA ASP B 267 -6.61 8.25 23.26
C ASP B 267 -7.07 8.09 21.82
N VAL B 268 -8.21 7.42 21.58
CA VAL B 268 -8.70 7.24 20.20
C VAL B 268 -9.44 8.45 19.61
N GLN B 269 -8.92 9.00 18.53
CA GLN B 269 -9.64 10.04 17.83
C GLN B 269 -10.49 9.35 16.79
N PHE B 270 -11.78 9.59 16.83
CA PHE B 270 -12.71 9.15 15.78
C PHE B 270 -13.03 10.29 14.77
N TYR B 271 -13.38 9.94 13.54
CA TYR B 271 -13.79 10.93 12.56
C TYR B 271 -15.02 10.41 11.84
N SER B 272 -15.76 11.29 11.21
CA SER B 272 -16.75 10.92 10.23
C SER B 272 -16.14 11.27 8.90
N CYS B 273 -16.04 10.30 8.00
CA CYS B 273 -15.37 10.51 6.73
C CYS B 273 -16.28 10.11 5.61
N THR B 274 -16.25 10.87 4.52
CA THR B 274 -16.97 10.52 3.32
C THR B 274 -15.91 10.10 2.35
N PHE B 275 -15.96 8.88 1.84
CA PHE B 275 -15.02 8.48 0.78
C PHE B 275 -15.72 8.17 -0.53
N ARG B 276 -15.05 8.38 -1.65
CA ARG B 276 -15.56 7.86 -2.87
C ARG B 276 -14.56 6.85 -3.42
N CYS B 277 -15.08 5.66 -3.73
CA CYS B 277 -14.29 4.55 -4.31
C CYS B 277 -14.96 4.06 -5.59
N PHE B 278 -14.34 4.36 -6.71
CA PHE B 278 -14.93 3.96 -7.95
C PHE B 278 -14.57 2.52 -8.25
N LYS B 279 -15.49 1.82 -8.93
CA LYS B 279 -15.22 0.48 -9.46
C LYS B 279 -14.75 0.64 -10.91
N VAL B 280 -13.44 0.53 -11.09
CA VAL B 280 -12.79 0.64 -12.38
C VAL B 280 -11.57 -0.28 -12.36
N ALA B 281 -11.53 -1.25 -13.27
CA ALA B 281 -10.47 -2.27 -13.25
C ALA B 281 -9.13 -1.71 -13.62
N THR B 282 -9.08 -0.61 -14.35
CA THR B 282 -7.79 -0.05 -14.73
C THR B 282 -6.93 0.31 -13.53
N LEU B 283 -7.57 0.78 -12.47
CA LEU B 283 -6.91 1.53 -11.40
C LEU B 283 -5.79 0.77 -10.72
N GLU B 284 -4.87 1.53 -10.15
CA GLU B 284 -3.76 1.01 -9.36
C GLU B 284 -3.81 1.50 -7.90
N ALA B 285 -3.00 0.90 -7.04
CA ALA B 285 -3.01 1.25 -5.63
C ALA B 285 -2.24 2.54 -5.40
N THR B 286 -1.81 3.15 -6.49
CA THR B 286 -0.73 4.12 -6.45
C THR B 286 -1.09 5.22 -7.46
N ARG B 287 -0.66 6.45 -7.24
CA ARG B 287 -1.00 7.54 -8.16
C ARG B 287 0.09 7.87 -9.18
N GLU B 288 0.04 7.23 -10.35
CA GLU B 288 1.15 7.37 -11.29
C GLU B 288 0.84 8.46 -12.34
N ASP B 289 1.90 9.16 -12.75
CA ASP B 289 1.79 10.27 -13.69
C ASP B 289 2.05 9.85 -15.10
N TYR B 290 1.04 9.90 -15.96
CA TYR B 290 1.27 9.58 -17.37
C TYR B 290 1.13 10.83 -18.24
N GLY B 291 1.57 11.95 -17.68
CA GLY B 291 1.60 13.22 -18.39
C GLY B 291 0.26 13.84 -18.74
N GLN B 292 -0.83 13.30 -18.17
CA GLN B 292 -2.18 13.69 -18.57
C GLN B 292 -2.73 14.89 -17.83
N SER B 293 -3.53 15.66 -18.54
CA SER B 293 -4.41 16.60 -17.91
C SER B 293 -5.78 16.19 -18.37
N ALA B 294 -6.78 16.89 -17.84
CA ALA B 294 -8.15 16.65 -18.23
C ALA B 294 -8.94 17.90 -17.94
N THR B 295 -9.77 18.28 -18.91
CA THR B 295 -10.56 19.53 -18.83
C THR B 295 -12.03 19.23 -18.62
N TYR B 296 -12.63 20.01 -17.72
CA TYR B 296 -14.06 19.89 -17.45
C TYR B 296 -14.81 20.79 -18.42
N LEU B 297 -15.69 20.17 -19.22
CA LEU B 297 -16.43 20.83 -20.32
C LEU B 297 -17.74 21.56 -19.91
N GLY B 298 -17.77 22.23 -18.76
CA GLY B 298 -18.96 22.95 -18.31
C GLY B 298 -20.22 22.09 -18.23
N GLY B 299 -21.27 22.67 -17.66
CA GLY B 299 -22.60 22.02 -17.58
C GLY B 299 -23.12 21.98 -16.15
N ILE B 300 -22.83 20.88 -15.46
CA ILE B 300 -23.28 20.67 -14.07
C ILE B 300 -22.61 21.59 -13.03
N GLY B 301 -22.15 22.76 -13.46
CA GLY B 301 -21.70 23.78 -12.54
C GLY B 301 -20.56 24.58 -13.13
N GLU B 302 -20.37 25.78 -12.60
CA GLU B 302 -19.18 26.57 -12.95
C GLU B 302 -17.85 25.80 -12.75
N GLU B 303 -17.88 24.68 -12.02
CA GLU B 303 -16.69 23.85 -11.86
C GLU B 303 -17.05 22.53 -11.20
N PHE B 304 -16.05 21.65 -11.01
CA PHE B 304 -16.26 20.28 -10.50
C PHE B 304 -15.20 19.87 -9.47
N LYS B 305 -15.61 19.77 -8.21
CA LYS B 305 -14.78 19.25 -7.13
C LYS B 305 -14.92 17.75 -7.07
N LEU B 306 -14.00 17.04 -7.73
CA LEU B 306 -13.92 15.57 -7.62
C LEU B 306 -13.62 15.15 -6.19
N ASP B 307 -12.57 15.74 -5.63
CA ASP B 307 -12.18 15.46 -4.26
C ASP B 307 -11.34 16.58 -3.65
N ARG B 308 -10.76 16.29 -2.50
CA ARG B 308 -10.08 17.27 -1.70
C ARG B 308 -8.75 17.68 -2.33
N PHE B 309 -8.36 17.02 -3.43
CA PHE B 309 -7.20 17.43 -4.22
C PHE B 309 -7.52 17.95 -5.63
N PHE B 310 -8.55 17.43 -6.28
CA PHE B 310 -8.82 17.84 -7.67
C PHE B 310 -10.11 18.67 -7.86
N THR B 311 -9.90 19.95 -8.13
CA THR B 311 -10.96 20.86 -8.49
C THR B 311 -10.69 21.26 -9.93
N PHE B 312 -11.67 20.97 -10.79
CA PHE B 312 -11.58 21.19 -12.24
C PHE B 312 -12.44 22.36 -12.74
N PRO B 313 -11.85 23.57 -12.86
CA PRO B 313 -12.69 24.67 -13.36
C PRO B 313 -13.21 24.45 -14.77
N ARG B 314 -14.18 25.27 -15.14
CA ARG B 314 -14.80 25.24 -16.44
C ARG B 314 -13.74 25.55 -17.50
N GLU B 315 -13.51 24.59 -18.39
CA GLU B 315 -12.71 24.79 -19.61
C GLU B 315 -11.23 25.12 -19.36
N LYS B 316 -10.72 24.78 -18.18
CA LYS B 316 -9.28 24.78 -17.92
C LYS B 316 -8.84 23.32 -17.79
N PRO B 317 -7.81 22.91 -18.56
CA PRO B 317 -7.31 21.56 -18.31
C PRO B 317 -6.56 21.54 -16.97
N VAL B 318 -6.63 20.42 -16.26
CA VAL B 318 -5.88 20.22 -15.01
C VAL B 318 -5.08 18.91 -15.10
N ARG B 319 -3.81 19.01 -14.70
CA ARG B 319 -2.88 17.89 -14.76
C ARG B 319 -3.32 16.82 -13.79
N VAL B 320 -3.31 15.57 -14.26
CA VAL B 320 -3.84 14.46 -13.47
C VAL B 320 -3.09 13.15 -13.62
N ASP B 321 -3.15 12.39 -12.53
CA ASP B 321 -2.60 11.03 -12.46
C ASP B 321 -3.51 10.11 -13.20
N ARG B 322 -2.98 8.95 -13.58
CA ARG B 322 -3.72 8.02 -14.42
C ARG B 322 -4.96 7.48 -13.73
N ASN B 323 -4.84 7.03 -12.49
CA ASN B 323 -6.02 6.58 -11.75
C ASN B 323 -7.14 7.62 -11.90
N THR B 324 -6.88 8.87 -11.55
CA THR B 324 -7.92 9.88 -11.74
C THR B 324 -8.33 9.88 -13.19
N ALA B 325 -7.40 9.81 -14.13
CA ALA B 325 -7.81 9.95 -15.55
C ALA B 325 -8.79 8.86 -15.92
N GLU B 326 -8.44 7.62 -15.56
CA GLU B 326 -9.30 6.45 -15.79
C GLU B 326 -10.66 6.51 -15.13
N ILE B 327 -10.73 7.16 -13.97
CA ILE B 327 -11.98 7.37 -13.29
C ILE B 327 -12.86 8.24 -14.14
N ILE B 328 -12.38 9.43 -14.51
CA ILE B 328 -13.19 10.26 -15.39
C ILE B 328 -13.57 9.48 -16.64
N ARG B 329 -12.61 8.85 -17.31
CA ARG B 329 -12.89 8.15 -18.56
C ARG B 329 -13.95 7.05 -18.44
N HIS B 330 -13.88 6.24 -17.40
CA HIS B 330 -14.75 5.06 -17.32
C HIS B 330 -15.99 5.21 -16.46
N SER B 331 -16.27 6.40 -15.94
CA SER B 331 -17.43 6.62 -15.08
C SER B 331 -18.44 7.55 -15.75
N ARG B 332 -19.55 7.79 -15.04
CA ARG B 332 -20.60 8.68 -15.53
C ARG B 332 -20.06 10.06 -15.86
N LEU B 333 -18.81 10.32 -15.47
CA LEU B 333 -18.20 11.63 -15.59
C LEU B 333 -17.65 11.92 -16.95
N HIS B 334 -17.37 10.89 -17.75
CA HIS B 334 -16.83 11.09 -19.11
C HIS B 334 -17.63 12.17 -19.79
N GLN B 335 -18.95 11.99 -19.71
CA GLN B 335 -19.96 13.00 -20.01
C GLN B 335 -19.58 14.49 -20.01
N TRP B 336 -18.87 14.99 -19.00
CA TRP B 336 -18.58 16.44 -18.87
C TRP B 336 -17.11 16.81 -18.96
N PHE B 337 -16.31 15.88 -19.48
CA PHE B 337 -14.85 15.92 -19.43
C PHE B 337 -14.23 15.34 -20.70
N SER B 338 -13.23 16.02 -21.26
CA SER B 338 -12.29 15.28 -22.10
C SER B 338 -11.02 15.14 -21.28
N VAL B 339 -10.51 13.93 -21.22
CA VAL B 339 -9.25 13.73 -20.54
C VAL B 339 -8.20 13.42 -21.60
N SER B 340 -7.01 13.98 -21.38
CA SER B 340 -5.90 13.84 -22.27
C SER B 340 -5.63 12.37 -22.66
N ALA B 341 -4.40 12.05 -23.01
CA ALA B 341 -4.07 10.69 -23.37
C ALA B 341 -2.74 10.32 -22.77
N GLU B 342 -2.68 9.06 -22.38
CA GLU B 342 -1.54 8.45 -21.71
C GLU B 342 -0.27 8.71 -22.49
N GLN B 343 0.75 9.18 -21.79
CA GLN B 343 2.04 9.42 -22.40
C GLN B 343 3.11 8.61 -21.66
N GLN B 344 4.38 8.94 -21.82
CA GLN B 344 5.44 8.33 -21.04
C GLN B 344 5.16 8.47 -19.57
N HIS B 345 5.40 7.39 -18.86
CA HIS B 345 5.24 7.38 -17.42
C HIS B 345 6.33 8.21 -16.81
N MET B 346 6.02 8.95 -15.75
CA MET B 346 6.97 9.90 -15.15
C MET B 346 7.21 9.70 -13.66
N GLY B 347 6.54 8.74 -13.04
CA GLY B 347 6.69 8.48 -11.62
C GLY B 347 5.47 8.94 -10.86
N LEU B 348 5.55 8.87 -9.54
CA LEU B 348 4.45 9.28 -8.71
C LEU B 348 4.08 10.70 -9.07
N PHE B 349 2.79 10.91 -9.23
CA PHE B 349 2.25 12.20 -9.59
C PHE B 349 2.50 13.29 -8.55
N LYS B 350 3.18 14.37 -8.95
CA LYS B 350 3.29 15.55 -8.08
C LYS B 350 2.89 16.91 -8.69
N ALA B 351 2.24 16.91 -9.84
CA ALA B 351 1.72 18.15 -10.42
C ALA B 351 0.42 18.58 -9.73
N ASN B 352 0.54 18.92 -8.45
CA ASN B 352 -0.61 19.33 -7.63
C ASN B 352 -0.03 20.09 -6.46
N ASP B 353 -0.71 21.14 -5.99
CA ASP B 353 -0.10 21.97 -4.95
C ASP B 353 0.24 21.16 -3.72
N SER B 354 -0.57 20.13 -3.43
CA SER B 354 -0.36 19.33 -2.25
C SER B 354 -0.11 17.87 -2.61
N TYR B 355 0.77 17.63 -3.58
CA TYR B 355 1.18 16.25 -3.92
C TYR B 355 1.69 15.46 -2.70
N ALA B 356 2.42 16.10 -1.81
CA ALA B 356 2.95 15.42 -0.63
C ALA B 356 1.84 14.68 0.12
N LEU B 357 0.77 15.41 0.41
CA LEU B 357 -0.33 14.89 1.21
C LEU B 357 -1.12 13.82 0.46
N LEU B 358 -1.21 13.96 -0.86
CA LEU B 358 -1.83 12.97 -1.76
C LEU B 358 -1.26 11.57 -1.56
N HIS B 359 0.04 11.47 -1.41
CA HIS B 359 0.70 10.17 -1.34
C HIS B 359 0.86 9.65 0.07
N ALA B 360 0.53 10.50 1.02
CA ALA B 360 0.56 10.15 2.41
C ALA B 360 -0.48 9.07 2.70
N PRO B 361 -0.21 8.25 3.72
CA PRO B 361 -1.20 7.27 4.15
C PRO B 361 -2.44 7.96 4.66
N LEU B 362 -3.54 7.22 4.64
CA LEU B 362 -4.85 7.80 4.73
C LEU B 362 -5.06 8.43 6.10
N SER B 363 -4.48 7.84 7.14
CA SER B 363 -4.74 8.31 8.51
C SER B 363 -4.11 9.68 8.74
N MET B 364 -3.09 10.01 7.95
CA MET B 364 -2.48 11.33 7.99
C MET B 364 -3.26 12.33 7.19
N GLN B 365 -3.65 11.94 5.98
CA GLN B 365 -4.54 12.77 5.19
C GLN B 365 -5.71 13.31 5.99
N VAL B 366 -6.31 12.45 6.79
CA VAL B 366 -7.41 12.83 7.67
C VAL B 366 -6.96 13.82 8.75
N GLU B 367 -5.91 13.49 9.49
CA GLU B 367 -5.43 14.39 10.56
C GLU B 367 -5.41 15.83 10.04
N GLN B 368 -4.76 16.00 8.89
CA GLN B 368 -4.56 17.33 8.31
C GLN B 368 -5.86 17.97 7.83
N LEU B 369 -6.70 17.21 7.15
CA LEU B 369 -7.85 17.79 6.48
C LEU B 369 -9.11 17.93 7.34
N VAL B 370 -9.05 17.51 8.60
CA VAL B 370 -10.23 17.58 9.49
C VAL B 370 -10.63 19.00 9.92
N SER B 371 -9.66 19.76 10.43
CA SER B 371 -9.90 21.04 11.13
C SER B 371 -11.10 21.88 10.64
N SAH C . 26.91 -10.61 -8.94
CA SAH C . 28.13 -10.94 -9.75
CB SAH C . 27.81 -11.19 -11.23
CG SAH C . 26.96 -10.06 -11.79
SD SAH C . 26.84 -10.21 -13.53
C SAH C . 29.20 -9.89 -9.71
O SAH C . 30.29 -10.15 -10.24
OXT SAH C . 29.06 -8.77 -9.19
C5' SAH C . 25.21 -10.77 -13.78
C4' SAH C . 25.25 -12.26 -13.49
O4' SAH C . 23.92 -12.77 -13.53
C3' SAH C . 26.06 -13.07 -14.51
O3' SAH C . 27.17 -13.72 -13.85
C2' SAH C . 25.02 -14.05 -15.06
O2' SAH C . 25.60 -15.31 -15.32
C1' SAH C . 23.96 -14.11 -13.97
N9 SAH C . 22.58 -14.35 -14.43
C8 SAH C . 21.91 -13.52 -15.25
N7 SAH C . 20.65 -13.99 -15.49
C5 SAH C . 20.51 -15.12 -14.80
C6 SAH C . 19.41 -16.07 -14.63
N6 SAH C . 18.25 -15.82 -15.30
N1 SAH C . 19.60 -17.14 -13.84
C2 SAH C . 20.78 -17.27 -13.21
N3 SAH C . 21.82 -16.44 -13.29
C4 SAH C . 21.75 -15.36 -14.08
AS ARS D . 24.90 -5.75 -13.59
N SAH E . -28.50 6.02 7.39
CA SAH E . -29.68 6.16 8.29
CB SAH E . -29.30 5.89 9.71
CG SAH E . -28.63 4.54 9.76
SD SAH E . -28.74 3.95 11.40
C SAH E . -30.15 7.57 8.31
O SAH E . -29.31 8.46 8.10
OXT SAH E . -31.33 7.85 8.56
C5' SAH E . -28.28 2.27 11.14
C4' SAH E . -29.31 1.55 10.28
O4' SAH E . -28.68 0.52 9.51
C3' SAH E . -30.44 0.87 11.07
O3' SAH E . -31.71 1.22 10.49
C2' SAH E . -30.18 -0.61 10.96
O2' SAH E . -31.37 -1.39 10.86
C1' SAH E . -29.38 -0.71 9.68
N9 SAH E . -28.41 -1.82 9.78
C8 SAH E . -27.47 -1.96 10.74
N7 SAH E . -26.75 -3.09 10.51
C5 SAH E . -27.23 -3.64 9.38
C6 SAH E . -26.93 -4.85 8.58
N6 SAH E . -25.92 -5.69 8.97
N1 SAH E . -27.69 -5.06 7.47
C2 SAH E . -28.68 -4.22 7.09
N3 SAH E . -29.01 -3.12 7.77
C4 SAH E . -28.33 -2.80 8.90
AS ARS F . -24.72 5.49 13.22
#